data_9GV7
#
_entry.id   9GV7
#
_cell.length_a   144.130
_cell.length_b   144.130
_cell.length_c   106.790
_cell.angle_alpha   90.00
_cell.angle_beta   90.00
_cell.angle_gamma   120.00
#
_symmetry.space_group_name_H-M   'P 65'
#
loop_
_entity.id
_entity.type
_entity.pdbx_description
1 polymer 'MHC class I antigen'
2 polymer Beta-2-microglobulin
3 polymer Peptide
4 polymer 'TCR Alpha'
5 polymer 'TCR Beta'
6 non-polymer 1,2-ETHANEDIOL
7 water water
#
loop_
_entity_poly.entity_id
_entity_poly.type
_entity_poly.pdbx_seq_one_letter_code
_entity_poly.pdbx_strand_id
1 'polypeptide(L)'
;GSHSMRYFFTSVSRPGRGEPRFIAVGYVDDTQFVRFDSDAASQRMEPRAPWIEQEGPEYWDGETRKVKAHSQTHRVDLGT
LRGYYNQSEAGSHTVQRMYGCDVGSDWRFLRGYHQYAYDGKDYIALKEDLRSWTAADMAAQTTKHKWEAAHVAEQLRAYL
EGTCVEWLRRYLENGKETLQRTDAPKTHMTHHAVSDHEATLRCWALSFYPAEITLTWQRDGEDQTQDTELVETRPAGDGT
FQKWAAVVVPSGQEQRYTCHVQHEGLPKPLTLRWEP
;
A
2 'polypeptide(L)'
;MIQRTPKIQVYSRHPAENGKSNFLNCYVSGFHPSDIEVDLLKNGERIEKVEHSDLSFSKDWSFYLLYYTEFTPTEKDEYA
CRVNHVTLSQPKIVKWDRDM
;
B
3 'polypeptide(L)' SLAGGLDDMKA C
4 'polypeptide(L)'
;MAKEVEQNSGPLSVPEGAIASLNCTYSDRGSQSFFWYRQYSGKSPELIMSIYETSIKEDGRFTAQLNKASQYVSLLIRDS
QPSDSATYLCAVGERVGGYNKLIFGAGTRLTVKPNIQNPDPAVYQLRDSKSSDKSVCLFTDFDSQTNVSQSKDSDVYITD
KCVLDMRSMDFKSNSAVAWSNKSDFACANAFNNSIIPEDT
;
D
5 'polypeptide(L)'
;MNAGVTQTPKFRVLKTGQSMTLQCAQDMNHNSMYWYRQDPGMGLRLIHYSRWGWETAKGEVPDGYNVSRLKKQNFLLGLE
SAAPSQTSVYFCASSYGSGYNAQTFGPGTRLTVLEDLKNVFPPEVAVFEPSEAEISHTQKATLVCLATGFYPDHVELSWW
VNGKEVHSGVCTDPQPLKEQPALNDSRYALSSRLRVSATFWQDPRNHFRCQVQFYGLSENDEWTQDRAKPVTQIVSAEAW
GRAD
;
E
#
loop_
_chem_comp.id
_chem_comp.type
_chem_comp.name
_chem_comp.formula
EDO non-polymer 1,2-ETHANEDIOL 'C2 H6 O2'
#
# COMPACT_ATOMS: atom_id res chain seq x y z
N GLY A 1 -23.14 5.54 17.95
CA GLY A 1 -23.84 4.36 17.38
C GLY A 1 -22.81 3.37 16.86
N SER A 2 -23.24 2.14 16.52
CA SER A 2 -22.43 1.15 15.83
C SER A 2 -22.23 1.52 14.37
N HIS A 3 -21.23 0.95 13.71
CA HIS A 3 -20.99 1.27 12.32
C HIS A 3 -20.56 0.01 11.61
N SER A 4 -20.66 0.02 10.29
CA SER A 4 -20.29 -1.14 9.49
C SER A 4 -19.69 -0.70 8.17
N MET A 5 -18.82 -1.58 7.65
CA MET A 5 -18.34 -1.49 6.29
C MET A 5 -18.73 -2.79 5.60
N ARG A 6 -19.34 -2.67 4.41
CA ARG A 6 -19.83 -3.83 3.69
C ARG A 6 -19.49 -3.70 2.22
N TYR A 7 -18.99 -4.80 1.63
CA TYR A 7 -18.78 -4.90 0.21
C TYR A 7 -19.72 -5.95 -0.38
N PHE A 8 -20.29 -5.60 -1.54
CA PHE A 8 -21.22 -6.42 -2.32
C PHE A 8 -20.69 -6.65 -3.72
N PHE A 9 -20.71 -7.92 -4.16
CA PHE A 9 -20.18 -8.26 -5.48
C PHE A 9 -21.17 -9.14 -6.23
N THR A 10 -21.43 -8.77 -7.48
CA THR A 10 -22.33 -9.53 -8.36
C THR A 10 -21.64 -9.80 -9.69
N SER A 11 -21.63 -11.09 -10.10
CA SER A 11 -21.13 -11.51 -11.40
C SER A 11 -22.25 -12.27 -12.13
N VAL A 12 -22.52 -11.87 -13.36
CA VAL A 12 -23.58 -12.49 -14.15
C VAL A 12 -23.01 -12.98 -15.46
N SER A 13 -23.11 -14.29 -15.74
CA SER A 13 -22.62 -14.76 -17.04
C SER A 13 -23.58 -14.35 -18.17
N ARG A 14 -22.97 -14.18 -19.35
CA ARG A 14 -23.71 -13.75 -20.52
C ARG A 14 -23.15 -14.48 -21.73
N PRO A 15 -23.52 -15.77 -21.88
CA PRO A 15 -22.84 -16.64 -22.86
C PRO A 15 -22.96 -16.11 -24.28
N GLY A 16 -21.84 -16.10 -25.02
CA GLY A 16 -21.82 -15.54 -26.37
C GLY A 16 -21.89 -14.01 -26.41
N ARG A 17 -21.84 -13.31 -25.26
CA ARG A 17 -21.93 -11.86 -25.26
C ARG A 17 -20.77 -11.34 -24.42
N GLY A 18 -19.66 -12.09 -24.42
CA GLY A 18 -18.43 -11.69 -23.74
C GLY A 18 -18.31 -12.17 -22.28
N GLU A 19 -17.41 -11.51 -21.57
CA GLU A 19 -17.06 -11.82 -20.19
C GLU A 19 -18.28 -11.51 -19.30
N PRO A 20 -18.41 -12.14 -18.13
CA PRO A 20 -19.55 -11.86 -17.24
C PRO A 20 -19.59 -10.38 -16.85
N ARG A 21 -20.78 -9.89 -16.63
CA ARG A 21 -21.01 -8.58 -16.04
C ARG A 21 -20.59 -8.67 -14.58
N PHE A 22 -19.78 -7.68 -14.11
CA PHE A 22 -19.34 -7.71 -12.72
C PHE A 22 -19.51 -6.30 -12.15
N ILE A 23 -20.25 -6.20 -11.03
CA ILE A 23 -20.51 -4.94 -10.34
C ILE A 23 -20.18 -5.14 -8.85
N ALA A 24 -19.33 -4.24 -8.34
CA ALA A 24 -18.94 -4.18 -6.94
C ALA A 24 -19.35 -2.82 -6.37
N VAL A 25 -19.82 -2.83 -5.12
CA VAL A 25 -20.14 -1.61 -4.40
C VAL A 25 -19.65 -1.74 -2.97
N GLY A 26 -19.19 -0.64 -2.38
CA GLY A 26 -18.83 -0.64 -0.99
C GLY A 26 -19.62 0.44 -0.27
N TYR A 27 -20.01 0.11 0.95
CA TYR A 27 -20.72 1.02 1.84
C TYR A 27 -20.01 1.19 3.17
N VAL A 28 -20.17 2.37 3.77
CA VAL A 28 -20.02 2.62 5.19
C VAL A 28 -21.42 2.97 5.71
N ASP A 29 -21.96 2.12 6.61
CA ASP A 29 -23.35 2.24 7.06
C ASP A 29 -24.22 2.23 5.82
N ASP A 30 -25.10 3.25 5.67
CA ASP A 30 -26.00 3.28 4.53
C ASP A 30 -25.46 4.20 3.42
N THR A 31 -24.17 4.55 3.43
CA THR A 31 -23.61 5.48 2.45
C THR A 31 -22.72 4.67 1.52
N GLN A 32 -23.04 4.63 0.23
CA GLN A 32 -22.13 4.06 -0.74
C GLN A 32 -20.90 4.95 -0.92
N PHE A 33 -19.72 4.34 -1.07
CA PHE A 33 -18.52 5.16 -1.20
C PHE A 33 -17.61 4.78 -2.36
N VAL A 34 -17.74 3.55 -2.89
CA VAL A 34 -16.97 3.13 -4.07
C VAL A 34 -17.84 2.23 -4.93
N ARG A 35 -17.43 2.12 -6.19
CA ARG A 35 -18.02 1.18 -7.11
C ARG A 35 -16.99 0.72 -8.15
N PHE A 36 -17.30 -0.44 -8.76
CA PHE A 36 -16.67 -0.89 -9.98
C PHE A 36 -17.74 -1.52 -10.86
N ASP A 37 -17.72 -1.23 -12.15
CA ASP A 37 -18.60 -1.86 -13.13
C ASP A 37 -17.78 -2.31 -14.34
N SER A 38 -17.77 -3.61 -14.65
CA SER A 38 -16.96 -4.15 -15.73
C SER A 38 -17.24 -3.45 -17.07
N ASP A 39 -18.46 -2.94 -17.24
CA ASP A 39 -18.86 -2.34 -18.52
C ASP A 39 -18.67 -0.83 -18.59
N ALA A 40 -18.34 -0.15 -17.49
CA ALA A 40 -18.04 1.28 -17.52
C ALA A 40 -16.75 1.57 -18.29
N ALA A 41 -16.55 2.84 -18.61
CA ALA A 41 -15.43 3.25 -19.43
C ALA A 41 -14.10 3.15 -18.71
N SER A 42 -14.06 3.39 -17.40
CA SER A 42 -12.75 3.56 -16.74
C SER A 42 -11.97 2.24 -16.51
N GLN A 43 -12.68 1.14 -16.21
CA GLN A 43 -12.11 -0.12 -15.70
C GLN A 43 -11.25 0.12 -14.45
N ARG A 44 -11.75 1.05 -13.62
CA ARG A 44 -11.11 1.41 -12.34
C ARG A 44 -12.15 1.37 -11.23
N MET A 45 -11.70 1.05 -10.02
CA MET A 45 -12.52 1.33 -8.85
C MET A 45 -12.77 2.84 -8.87
N GLU A 46 -13.99 3.29 -8.60
CA GLU A 46 -14.32 4.69 -8.69
C GLU A 46 -14.90 5.23 -7.37
N PRO A 47 -14.65 6.52 -7.02
CA PRO A 47 -15.25 7.13 -5.82
C PRO A 47 -16.75 7.38 -6.00
N ARG A 48 -17.52 7.24 -4.90
CA ARG A 48 -18.93 7.62 -4.92
C ARG A 48 -19.33 8.45 -3.69
N ALA A 49 -18.35 8.90 -2.94
CA ALA A 49 -18.58 9.79 -1.80
C ALA A 49 -17.42 10.76 -1.81
N PRO A 50 -17.64 12.02 -1.40
CA PRO A 50 -16.55 13.02 -1.40
C PRO A 50 -15.32 12.68 -0.59
N TRP A 51 -15.51 12.12 0.62
CA TRP A 51 -14.40 11.95 1.53
C TRP A 51 -13.41 10.85 1.12
N ILE A 52 -13.80 9.92 0.22
CA ILE A 52 -12.87 8.89 -0.26
C ILE A 52 -11.93 9.45 -1.33
N GLU A 53 -12.28 10.61 -1.92
CA GLU A 53 -11.52 11.18 -3.03
C GLU A 53 -10.12 11.62 -2.62
N GLN A 54 -9.89 11.81 -1.34
CA GLN A 54 -8.58 12.24 -0.91
C GLN A 54 -7.58 11.08 -0.90
N GLU A 55 -8.04 9.83 -1.07
CA GLU A 55 -7.07 8.74 -1.19
C GLU A 55 -6.33 8.89 -2.53
N GLY A 56 -5.05 8.53 -2.54
CA GLY A 56 -4.20 8.80 -3.69
C GLY A 56 -4.17 7.64 -4.68
N PRO A 57 -3.49 7.82 -5.84
CA PRO A 57 -3.39 6.74 -6.83
C PRO A 57 -2.98 5.39 -6.31
N GLU A 58 -2.10 5.31 -5.29
CA GLU A 58 -1.73 4.02 -4.73
C GLU A 58 -2.95 3.22 -4.26
N TYR A 59 -3.88 3.92 -3.62
CA TYR A 59 -5.12 3.31 -3.17
C TYR A 59 -6.01 2.95 -4.36
N TRP A 60 -6.22 3.88 -5.31
CA TRP A 60 -7.09 3.58 -6.44
C TRP A 60 -6.54 2.41 -7.25
N ASP A 61 -5.21 2.36 -7.41
CA ASP A 61 -4.55 1.21 -8.02
C ASP A 61 -4.74 -0.08 -7.24
N GLY A 62 -4.48 -0.05 -5.91
CA GLY A 62 -4.62 -1.25 -5.10
C GLY A 62 -6.06 -1.77 -5.12
N GLU A 63 -7.03 -0.87 -4.97
CA GLU A 63 -8.42 -1.31 -4.97
C GLU A 63 -8.81 -1.86 -6.34
N THR A 64 -8.34 -1.24 -7.42
CA THR A 64 -8.62 -1.73 -8.76
C THR A 64 -8.04 -3.12 -8.94
N ARG A 65 -6.79 -3.33 -8.50
CA ARG A 65 -6.16 -4.64 -8.60
C ARG A 65 -6.94 -5.72 -7.84
N LYS A 66 -7.28 -5.46 -6.58
CA LYS A 66 -8.02 -6.41 -5.76
C LYS A 66 -9.41 -6.67 -6.37
N VAL A 67 -10.07 -5.63 -6.85
CA VAL A 67 -11.44 -5.82 -7.34
C VAL A 67 -11.43 -6.68 -8.60
N LYS A 68 -10.42 -6.50 -9.43
CA LYS A 68 -10.24 -7.36 -10.60
C LYS A 68 -9.97 -8.81 -10.23
N ALA A 69 -9.22 -9.03 -9.14
CA ALA A 69 -9.01 -10.37 -8.60
C ALA A 69 -10.32 -11.01 -8.14
N HIS A 70 -11.19 -10.22 -7.52
CA HIS A 70 -12.53 -10.69 -7.22
C HIS A 70 -13.25 -11.13 -8.49
N SER A 71 -13.23 -10.28 -9.53
CA SER A 71 -13.95 -10.54 -10.76
C SER A 71 -13.45 -11.83 -11.44
N GLN A 72 -12.12 -11.96 -11.47
CA GLN A 72 -11.47 -13.10 -12.11
C GLN A 72 -11.83 -14.41 -11.39
N THR A 73 -11.84 -14.38 -10.07
CA THR A 73 -12.26 -15.55 -9.31
C THR A 73 -13.72 -15.89 -9.62
N HIS A 74 -14.61 -14.90 -9.60
CA HIS A 74 -15.99 -15.21 -9.95
C HIS A 74 -16.16 -15.73 -11.36
N ARG A 75 -15.38 -15.20 -12.30
CA ARG A 75 -15.45 -15.69 -13.66
C ARG A 75 -15.13 -17.21 -13.74
N VAL A 76 -14.03 -17.63 -13.13
CA VAL A 76 -13.67 -19.05 -13.06
C VAL A 76 -14.75 -19.84 -12.30
N ASP A 77 -15.29 -19.28 -11.20
CA ASP A 77 -16.34 -19.92 -10.42
C ASP A 77 -17.58 -20.23 -11.24
N LEU A 78 -17.96 -19.31 -12.16
CA LEU A 78 -19.15 -19.53 -13.00
C LEU A 78 -19.01 -20.79 -13.84
N GLY A 79 -17.79 -21.01 -14.36
CA GLY A 79 -17.50 -22.25 -15.08
C GLY A 79 -17.54 -23.47 -14.14
N THR A 80 -16.84 -23.37 -13.01
CA THR A 80 -16.78 -24.45 -12.04
C THR A 80 -18.18 -24.90 -11.63
N LEU A 81 -18.99 -23.94 -11.19
CA LEU A 81 -20.33 -24.23 -10.70
C LEU A 81 -21.29 -24.77 -11.76
N ARG A 82 -21.27 -24.26 -13.00
CA ARG A 82 -22.08 -24.80 -14.09
C ARG A 82 -21.76 -26.29 -14.19
N GLY A 83 -20.50 -26.64 -14.06
CA GLY A 83 -20.10 -28.02 -14.21
C GLY A 83 -20.59 -28.84 -13.01
N TYR A 84 -20.46 -28.31 -11.80
CA TYR A 84 -20.93 -29.03 -10.63
C TYR A 84 -22.43 -29.34 -10.70
N TYR A 85 -23.22 -28.45 -11.33
CA TYR A 85 -24.68 -28.60 -11.35
C TYR A 85 -25.23 -29.09 -12.69
N ASN A 86 -24.36 -29.54 -13.63
CA ASN A 86 -24.79 -30.04 -14.93
C ASN A 86 -25.67 -29.02 -15.68
N GLN A 87 -25.20 -27.79 -15.72
CA GLN A 87 -25.93 -26.74 -16.45
C GLN A 87 -25.20 -26.50 -17.77
N SER A 88 -25.95 -26.16 -18.81
CA SER A 88 -25.32 -25.95 -20.11
C SER A 88 -24.59 -24.62 -20.13
N GLU A 89 -23.86 -24.41 -21.20
CA GLU A 89 -23.11 -23.18 -21.42
C GLU A 89 -24.02 -22.06 -21.95
N ALA A 90 -25.25 -22.37 -22.32
CA ALA A 90 -26.15 -21.41 -22.95
C ALA A 90 -26.82 -20.45 -21.96
N GLY A 91 -26.99 -20.83 -20.69
CA GLY A 91 -27.79 -20.04 -19.78
C GLY A 91 -26.96 -19.01 -19.02
N SER A 92 -27.64 -17.99 -18.50
CA SER A 92 -26.98 -16.96 -17.66
C SER A 92 -27.11 -17.38 -16.18
N HIS A 93 -26.03 -17.21 -15.43
CA HIS A 93 -26.04 -17.59 -14.00
C HIS A 93 -25.41 -16.46 -13.18
N THR A 94 -25.60 -16.51 -11.87
CA THR A 94 -25.16 -15.44 -11.00
C THR A 94 -24.32 -15.99 -9.85
N VAL A 95 -23.23 -15.28 -9.54
CA VAL A 95 -22.48 -15.46 -8.32
C VAL A 95 -22.55 -14.14 -7.56
N GLN A 96 -22.85 -14.24 -6.26
CA GLN A 96 -22.80 -13.09 -5.38
C GLN A 96 -21.94 -13.37 -4.15
N ARG A 97 -21.25 -12.32 -3.70
CA ARG A 97 -20.42 -12.39 -2.50
C ARG A 97 -20.65 -11.10 -1.71
N MET A 98 -20.72 -11.23 -0.39
CA MET A 98 -20.77 -10.08 0.51
C MET A 98 -19.89 -10.35 1.71
N TYR A 99 -19.16 -9.33 2.13
CA TYR A 99 -18.37 -9.43 3.34
C TYR A 99 -18.30 -8.05 3.97
N GLY A 100 -17.97 -8.05 5.25
CA GLY A 100 -17.71 -6.83 5.98
C GLY A 100 -17.67 -6.99 7.48
N CYS A 101 -17.64 -5.86 8.19
CA CYS A 101 -17.41 -5.86 9.61
C CYS A 101 -18.25 -4.78 10.28
N ASP A 102 -18.59 -5.06 11.53
CA ASP A 102 -19.27 -4.11 12.40
C ASP A 102 -18.34 -3.74 13.54
N VAL A 103 -18.42 -2.47 13.97
CA VAL A 103 -17.77 -2.01 15.19
C VAL A 103 -18.84 -1.33 16.04
N GLY A 104 -18.60 -1.32 17.37
CA GLY A 104 -19.51 -0.72 18.34
C GLY A 104 -19.27 0.79 18.43
N SER A 105 -19.99 1.46 19.34
CA SER A 105 -19.93 2.90 19.48
C SER A 105 -18.53 3.31 19.98
N ASP A 106 -17.77 2.37 20.52
CA ASP A 106 -16.39 2.63 20.92
C ASP A 106 -15.38 2.28 19.83
N TRP A 107 -15.88 1.91 18.65
CA TRP A 107 -15.11 1.59 17.44
C TRP A 107 -14.22 0.35 17.63
N ARG A 108 -14.56 -0.54 18.60
CA ARG A 108 -13.94 -1.86 18.66
C ARG A 108 -14.75 -2.90 17.88
N PHE A 109 -14.06 -3.85 17.27
CA PHE A 109 -14.66 -4.92 16.52
C PHE A 109 -15.82 -5.56 17.27
N LEU A 110 -16.94 -5.78 16.57
CA LEU A 110 -18.07 -6.55 17.09
C LEU A 110 -18.17 -7.89 16.34
N ARG A 111 -18.12 -7.90 15.02
CA ARG A 111 -18.34 -9.14 14.28
C ARG A 111 -17.93 -8.94 12.82
N GLY A 112 -17.70 -10.05 12.12
CA GLY A 112 -17.41 -10.03 10.71
C GLY A 112 -18.24 -11.09 10.00
N TYR A 113 -18.37 -10.94 8.70
CA TYR A 113 -19.14 -11.88 7.90
C TYR A 113 -18.54 -12.00 6.51
N HIS A 114 -18.79 -13.15 5.88
CA HIS A 114 -18.40 -13.46 4.52
C HIS A 114 -19.31 -14.58 4.02
N GLN A 115 -20.14 -14.21 3.04
CA GLN A 115 -21.16 -15.12 2.53
C GLN A 115 -21.10 -15.15 1.01
N TYR A 116 -21.48 -16.29 0.43
CA TYR A 116 -21.41 -16.53 -1.01
C TYR A 116 -22.63 -17.34 -1.45
N ALA A 117 -23.16 -16.91 -2.58
CA ALA A 117 -24.36 -17.48 -3.19
C ALA A 117 -24.18 -17.74 -4.67
N TYR A 118 -24.84 -18.80 -5.12
CA TYR A 118 -24.92 -19.14 -6.52
C TYR A 118 -26.39 -19.18 -6.94
N ASP A 119 -26.73 -18.41 -7.97
CA ASP A 119 -28.12 -18.37 -8.52
C ASP A 119 -29.10 -17.92 -7.43
N GLY A 120 -28.64 -17.08 -6.51
CA GLY A 120 -29.49 -16.49 -5.48
C GLY A 120 -29.74 -17.42 -4.29
N LYS A 121 -29.07 -18.56 -4.26
CA LYS A 121 -29.23 -19.51 -3.13
C LYS A 121 -27.93 -19.59 -2.32
N ASP A 122 -28.06 -19.65 -0.99
CA ASP A 122 -26.87 -19.79 -0.14
C ASP A 122 -26.00 -20.92 -0.69
N TYR A 123 -24.70 -20.75 -0.70
CA TYR A 123 -23.79 -21.78 -1.20
C TYR A 123 -22.78 -22.08 -0.10
N ILE A 124 -22.01 -21.07 0.31
CA ILE A 124 -21.12 -21.28 1.45
C ILE A 124 -21.00 -19.97 2.24
N ALA A 125 -20.83 -20.10 3.56
CA ALA A 125 -20.71 -18.93 4.43
C ALA A 125 -19.77 -19.23 5.59
N LEU A 126 -19.02 -18.18 5.98
CA LEU A 126 -18.21 -18.23 7.19
C LEU A 126 -19.13 -18.10 8.39
N LYS A 127 -18.90 -18.92 9.40
CA LYS A 127 -19.68 -18.80 10.61
C LYS A 127 -19.16 -17.61 11.42
N GLU A 128 -19.93 -17.21 12.44
CA GLU A 128 -19.57 -16.05 13.26
C GLU A 128 -18.22 -16.22 13.99
N ASP A 129 -17.76 -17.45 14.20
CA ASP A 129 -16.44 -17.69 14.81
C ASP A 129 -15.28 -17.32 13.88
N LEU A 130 -15.53 -17.05 12.60
CA LEU A 130 -14.55 -16.67 11.59
C LEU A 130 -13.52 -17.80 11.44
N ARG A 131 -13.96 -19.04 11.72
CA ARG A 131 -13.12 -20.21 11.56
C ARG A 131 -13.83 -21.31 10.77
N SER A 132 -15.14 -21.44 10.92
CA SER A 132 -15.87 -22.58 10.42
C SER A 132 -16.67 -22.20 9.19
N TRP A 133 -17.03 -23.20 8.35
CA TRP A 133 -17.82 -22.96 7.16
C TRP A 133 -19.15 -23.70 7.20
N THR A 134 -20.20 -23.03 6.70
CA THR A 134 -21.52 -23.61 6.47
C THR A 134 -21.62 -23.88 4.97
N ALA A 135 -21.74 -25.14 4.61
CA ALA A 135 -21.91 -25.58 3.24
C ALA A 135 -23.35 -26.04 3.00
N ALA A 136 -23.94 -25.57 1.92
CA ALA A 136 -25.36 -25.72 1.65
C ALA A 136 -25.67 -27.09 1.06
N ASP A 137 -24.68 -27.72 0.42
CA ASP A 137 -24.94 -28.95 -0.31
C ASP A 137 -23.63 -29.68 -0.59
N MET A 138 -23.66 -30.75 -1.38
CA MET A 138 -22.43 -31.49 -1.62
C MET A 138 -21.43 -30.73 -2.52
N ALA A 139 -21.89 -29.89 -3.46
CA ALA A 139 -20.94 -29.09 -4.22
C ALA A 139 -20.19 -28.15 -3.28
N ALA A 140 -20.94 -27.45 -2.45
CA ALA A 140 -20.28 -26.50 -1.55
C ALA A 140 -19.37 -27.18 -0.52
N GLN A 141 -19.67 -28.42 -0.13
CA GLN A 141 -18.78 -29.19 0.73
C GLN A 141 -17.43 -29.36 0.02
N THR A 142 -17.41 -29.59 -1.31
CA THR A 142 -16.11 -29.69 -1.97
C THR A 142 -15.37 -28.35 -1.93
N THR A 143 -16.09 -27.24 -2.15
CA THR A 143 -15.50 -25.91 -1.99
C THR A 143 -14.92 -25.75 -0.59
N LYS A 144 -15.68 -26.20 0.42
CA LYS A 144 -15.25 -26.07 1.80
C LYS A 144 -13.86 -26.74 1.99
N HIS A 145 -13.73 -28.00 1.52
CA HIS A 145 -12.45 -28.69 1.63
C HIS A 145 -11.32 -27.91 0.95
N LYS A 146 -11.55 -27.34 -0.22
CA LYS A 146 -10.55 -26.53 -0.90
C LYS A 146 -10.15 -25.33 -0.03
N TRP A 147 -11.16 -24.67 0.53
CA TRP A 147 -10.92 -23.47 1.33
C TRP A 147 -10.20 -23.78 2.64
N GLU A 148 -10.51 -24.93 3.23
CA GLU A 148 -9.77 -25.40 4.39
C GLU A 148 -8.28 -25.60 4.06
N ALA A 149 -8.00 -26.23 2.93
CA ALA A 149 -6.61 -26.51 2.58
C ALA A 149 -5.85 -25.23 2.28
N ALA A 150 -6.54 -24.20 1.76
CA ALA A 150 -5.90 -22.92 1.47
C ALA A 150 -5.93 -21.93 2.66
N HIS A 151 -6.48 -22.30 3.81
CA HIS A 151 -6.52 -21.42 5.00
C HIS A 151 -7.29 -20.13 4.64
N VAL A 152 -8.37 -20.27 3.86
CA VAL A 152 -9.18 -19.13 3.46
C VAL A 152 -9.82 -18.42 4.67
N ALA A 153 -10.34 -19.22 5.63
CA ALA A 153 -10.95 -18.66 6.83
C ALA A 153 -9.95 -17.81 7.61
N GLU A 154 -8.71 -18.27 7.73
CA GLU A 154 -7.66 -17.51 8.45
C GLU A 154 -7.37 -16.19 7.71
N GLN A 155 -7.32 -16.22 6.39
CA GLN A 155 -7.08 -15.00 5.58
C GLN A 155 -8.23 -14.00 5.80
N LEU A 156 -9.47 -14.45 5.64
CA LEU A 156 -10.62 -13.58 5.85
C LEU A 156 -10.72 -13.09 7.29
N ARG A 157 -10.41 -13.96 8.26
CA ARG A 157 -10.50 -13.51 9.64
C ARG A 157 -9.57 -12.32 9.92
N ALA A 158 -8.32 -12.43 9.47
CA ALA A 158 -7.34 -11.35 9.69
C ALA A 158 -7.82 -10.09 8.98
N TYR A 159 -8.44 -10.26 7.82
CA TYR A 159 -9.02 -9.13 7.10
C TYR A 159 -10.17 -8.51 7.91
N LEU A 160 -11.12 -9.33 8.36
CA LEU A 160 -12.36 -8.80 8.95
C LEU A 160 -12.11 -8.15 10.30
N GLU A 161 -11.22 -8.77 11.09
CA GLU A 161 -10.87 -8.29 12.42
C GLU A 161 -9.87 -7.14 12.36
N GLY A 162 -9.05 -7.12 11.30
CA GLY A 162 -7.88 -6.23 11.24
C GLY A 162 -8.11 -5.10 10.23
N THR A 163 -7.90 -5.43 8.96
CA THR A 163 -7.97 -4.49 7.86
C THR A 163 -9.33 -3.77 7.78
N CYS A 164 -10.42 -4.52 7.86
CA CYS A 164 -11.78 -3.99 7.76
C CYS A 164 -12.04 -2.94 8.83
N VAL A 165 -11.65 -3.24 10.06
CA VAL A 165 -11.85 -2.34 11.17
C VAL A 165 -10.99 -1.08 11.01
N GLU A 166 -9.71 -1.27 10.64
CA GLU A 166 -8.80 -0.14 10.47
C GLU A 166 -9.40 0.84 9.46
N TRP A 167 -9.82 0.32 8.30
CA TRP A 167 -10.25 1.19 7.22
C TRP A 167 -11.64 1.80 7.49
N LEU A 168 -12.52 1.04 8.14
CA LEU A 168 -13.81 1.59 8.55
C LEU A 168 -13.59 2.79 9.47
N ARG A 169 -12.71 2.66 10.47
CA ARG A 169 -12.43 3.75 11.38
C ARG A 169 -11.84 4.95 10.63
N ARG A 170 -10.93 4.67 9.69
CA ARG A 170 -10.28 5.72 8.93
C ARG A 170 -11.29 6.50 8.12
N TYR A 171 -12.24 5.78 7.49
CA TYR A 171 -13.28 6.42 6.69
C TYR A 171 -14.25 7.21 7.58
N LEU A 172 -14.60 6.67 8.75
CA LEU A 172 -15.44 7.41 9.72
C LEU A 172 -14.82 8.73 10.13
N GLU A 173 -13.49 8.71 10.32
CA GLU A 173 -12.76 9.93 10.68
C GLU A 173 -12.73 10.90 9.49
N ASN A 174 -12.34 10.41 8.33
CA ASN A 174 -12.21 11.26 7.14
C ASN A 174 -13.57 11.84 6.72
N GLY A 175 -14.63 11.03 6.80
CA GLY A 175 -15.95 11.45 6.40
C GLY A 175 -16.87 11.79 7.58
N LYS A 176 -16.29 12.30 8.67
CA LYS A 176 -16.99 12.46 9.93
C LYS A 176 -18.17 13.42 9.77
N GLU A 177 -18.00 14.45 8.94
CA GLU A 177 -19.03 15.47 8.80
C GLU A 177 -20.33 14.86 8.25
N THR A 178 -20.22 13.81 7.42
CA THR A 178 -21.42 13.18 6.89
C THR A 178 -21.70 11.81 7.53
N LEU A 179 -20.69 10.96 7.72
CA LEU A 179 -20.90 9.62 8.26
C LEU A 179 -21.27 9.58 9.74
N GLN A 180 -20.71 10.47 10.56
CA GLN A 180 -21.01 10.44 11.97
C GLN A 180 -22.15 11.41 12.31
N ARG A 181 -22.82 11.99 11.31
CA ARG A 181 -23.97 12.85 11.57
C ARG A 181 -25.18 11.96 11.84
N THR A 182 -26.15 12.42 12.62
CA THR A 182 -27.46 11.82 12.52
C THR A 182 -28.39 12.95 12.08
N ASP A 183 -29.17 12.71 11.03
CA ASP A 183 -30.26 13.61 10.64
C ASP A 183 -31.58 13.03 11.14
N ALA A 184 -32.14 13.68 12.16
CA ALA A 184 -33.44 13.33 12.71
C ALA A 184 -34.52 13.51 11.63
N PRO A 185 -35.50 12.61 11.57
CA PRO A 185 -36.60 12.75 10.60
C PRO A 185 -37.35 14.06 10.77
N LYS A 186 -37.64 14.72 9.66
CA LYS A 186 -38.62 15.79 9.65
C LYS A 186 -39.98 15.11 9.51
N THR A 187 -40.87 15.36 10.48
CA THR A 187 -42.09 14.59 10.62
C THR A 187 -43.29 15.49 10.42
N HIS A 188 -44.34 14.93 9.82
CA HIS A 188 -45.63 15.61 9.76
C HIS A 188 -46.72 14.57 9.49
N MET A 189 -47.97 15.03 9.52
CA MET A 189 -49.12 14.16 9.47
C MET A 189 -50.16 14.76 8.53
N THR A 190 -50.59 13.97 7.54
CA THR A 190 -51.68 14.33 6.64
C THR A 190 -52.93 13.54 7.02
N HIS A 191 -54.08 14.10 6.60
CA HIS A 191 -55.44 13.63 6.89
C HIS A 191 -56.27 13.67 5.60
N HIS A 192 -56.76 12.52 5.16
CA HIS A 192 -57.51 12.39 3.91
C HIS A 192 -58.87 11.72 4.22
N ALA A 193 -59.96 12.39 3.84
CA ALA A 193 -61.31 11.83 3.97
C ALA A 193 -61.50 10.65 3.02
N VAL A 194 -61.82 9.46 3.57
CA VAL A 194 -62.12 8.25 2.81
C VAL A 194 -63.58 8.27 2.38
N SER A 195 -64.43 8.75 3.29
CA SER A 195 -65.89 8.78 3.18
C SER A 195 -66.36 9.67 4.32
N ASP A 196 -67.66 9.68 4.63
CA ASP A 196 -68.16 10.62 5.62
C ASP A 196 -68.06 10.05 7.04
N HIS A 197 -67.62 8.75 7.17
CA HIS A 197 -67.49 8.22 8.52
C HIS A 197 -66.05 7.85 8.90
N GLU A 198 -65.11 7.84 7.94
CA GLU A 198 -63.72 7.51 8.24
C GLU A 198 -62.78 8.42 7.42
N ALA A 199 -61.47 8.51 7.97
CA ALA A 199 -60.36 9.19 7.30
C ALA A 199 -59.02 8.45 7.48
N THR A 200 -58.07 8.72 6.58
CA THR A 200 -56.73 8.17 6.74
C THR A 200 -55.81 9.23 7.35
N LEU A 201 -55.26 8.88 8.55
CA LEU A 201 -54.09 9.62 9.04
C LEU A 201 -52.82 8.99 8.48
N ARG A 202 -51.95 9.81 7.89
CA ARG A 202 -50.67 9.28 7.44
C ARG A 202 -49.58 10.07 8.14
N CYS A 203 -48.63 9.29 8.73
CA CYS A 203 -47.50 9.81 9.47
C CYS A 203 -46.20 9.62 8.67
N TRP A 204 -45.52 10.75 8.40
CA TRP A 204 -44.36 10.83 7.53
C TRP A 204 -43.09 11.09 8.32
N ALA A 205 -42.03 10.38 7.93
CA ALA A 205 -40.70 10.69 8.38
C ALA A 205 -39.83 10.85 7.14
N LEU A 206 -39.16 12.01 7.01
CA LEU A 206 -38.41 12.33 5.81
C LEU A 206 -37.04 12.89 6.13
N SER A 207 -36.12 12.81 5.16
CA SER A 207 -34.81 13.42 5.26
C SER A 207 -34.02 12.88 6.44
N PHE A 208 -34.16 11.58 6.76
CA PHE A 208 -33.43 11.07 7.90
C PHE A 208 -32.24 10.20 7.45
N TYR A 209 -31.27 10.09 8.36
CA TYR A 209 -30.07 9.26 8.22
C TYR A 209 -29.57 8.90 9.63
N PRO A 210 -29.18 7.65 9.96
CA PRO A 210 -29.23 6.49 9.05
C PRO A 210 -30.64 5.98 8.76
N ALA A 211 -30.71 4.91 7.96
CA ALA A 211 -31.97 4.40 7.43
C ALA A 211 -32.85 3.78 8.53
N GLU A 212 -32.23 3.21 9.57
CA GLU A 212 -32.97 2.52 10.62
C GLU A 212 -33.96 3.49 11.26
N ILE A 213 -35.24 3.08 11.34
CA ILE A 213 -36.26 3.89 12.00
C ILE A 213 -37.37 2.96 12.51
N THR A 214 -38.19 3.43 13.46
CA THR A 214 -39.44 2.75 13.79
C THR A 214 -40.59 3.76 13.84
N LEU A 215 -41.63 3.45 13.06
CA LEU A 215 -42.87 4.22 13.00
C LEU A 215 -43.99 3.28 13.45
N THR A 216 -44.76 3.69 14.45
CA THR A 216 -45.88 2.91 14.96
C THR A 216 -47.04 3.83 15.31
N TRP A 217 -48.26 3.31 15.14
CA TRP A 217 -49.45 4.00 15.58
C TRP A 217 -49.97 3.38 16.88
N GLN A 218 -50.50 4.25 17.76
CA GLN A 218 -51.26 3.81 18.92
C GLN A 218 -52.65 4.44 18.94
N ARG A 219 -53.61 3.73 19.56
CA ARG A 219 -54.94 4.24 19.83
C ARG A 219 -55.24 4.15 21.33
N ASP A 220 -55.34 5.33 21.98
CA ASP A 220 -55.43 5.47 23.43
C ASP A 220 -54.32 4.68 24.12
N GLY A 221 -53.12 4.68 23.50
CA GLY A 221 -51.96 4.05 24.10
C GLY A 221 -51.80 2.57 23.75
N GLU A 222 -52.69 2.01 22.92
CA GLU A 222 -52.63 0.60 22.52
C GLU A 222 -52.03 0.49 21.12
N ASP A 223 -51.17 -0.50 20.90
CA ASP A 223 -50.57 -0.75 19.59
C ASP A 223 -51.66 -1.15 18.60
N GLN A 224 -51.34 -1.04 17.30
CA GLN A 224 -52.30 -1.15 16.23
C GLN A 224 -51.70 -1.82 15.00
N THR A 225 -50.68 -2.69 15.18
CA THR A 225 -49.82 -3.12 14.08
C THR A 225 -50.52 -4.15 13.21
N GLN A 226 -51.78 -4.49 13.52
CA GLN A 226 -52.61 -5.22 12.57
C GLN A 226 -53.22 -4.25 11.55
N ASP A 227 -53.47 -2.98 11.94
CA ASP A 227 -54.26 -2.03 11.14
C ASP A 227 -53.43 -0.83 10.64
N THR A 228 -52.10 -0.96 10.62
CA THR A 228 -51.24 0.08 10.09
C THR A 228 -50.74 -0.36 8.71
N GLU A 229 -50.91 0.50 7.70
CA GLU A 229 -50.16 0.35 6.47
C GLU A 229 -48.81 1.06 6.63
N LEU A 230 -47.73 0.34 6.28
CA LEU A 230 -46.37 0.82 6.32
C LEU A 230 -45.90 0.79 4.88
N VAL A 231 -44.90 1.61 4.56
CA VAL A 231 -44.10 1.33 3.39
C VAL A 231 -42.70 0.98 3.87
N GLU A 232 -41.99 0.21 3.07
CA GLU A 232 -40.59 -0.07 3.31
C GLU A 232 -39.83 1.25 3.21
N THR A 233 -38.81 1.38 4.06
CA THR A 233 -37.93 2.53 4.07
C THR A 233 -37.27 2.62 2.70
N ARG A 234 -37.24 3.82 2.13
CA ARG A 234 -36.82 4.01 0.76
C ARG A 234 -35.85 5.19 0.68
N PRO A 235 -34.85 5.11 -0.22
CA PRO A 235 -33.88 6.19 -0.41
C PRO A 235 -34.46 7.41 -1.13
N ALA A 236 -34.14 8.61 -0.61
CA ALA A 236 -34.62 9.85 -1.21
C ALA A 236 -33.79 10.24 -2.44
N GLY A 237 -32.56 9.74 -2.47
CA GLY A 237 -31.65 10.00 -3.57
C GLY A 237 -30.56 11.01 -3.20
N ASP A 238 -30.71 11.69 -2.04
CA ASP A 238 -29.80 12.73 -1.59
C ASP A 238 -29.01 12.30 -0.34
N GLY A 239 -28.93 10.98 -0.09
CA GLY A 239 -28.24 10.42 1.06
C GLY A 239 -29.14 10.19 2.27
N THR A 240 -30.42 10.60 2.19
CA THR A 240 -31.37 10.45 3.30
C THR A 240 -32.42 9.42 2.93
N PHE A 241 -33.27 9.10 3.91
CA PHE A 241 -34.29 8.08 3.74
C PHE A 241 -35.67 8.63 4.07
N GLN A 242 -36.70 7.86 3.65
CA GLN A 242 -38.09 8.21 3.87
C GLN A 242 -38.84 6.99 4.38
N LYS A 243 -39.94 7.25 5.11
CA LYS A 243 -40.84 6.19 5.51
C LYS A 243 -42.18 6.83 5.90
N TRP A 244 -43.27 6.10 5.69
CA TRP A 244 -44.54 6.52 6.26
C TRP A 244 -45.33 5.31 6.80
N ALA A 245 -46.32 5.66 7.63
CA ALA A 245 -47.25 4.75 8.28
C ALA A 245 -48.62 5.40 8.37
N ALA A 246 -49.68 4.62 8.10
CA ALA A 246 -51.01 5.19 8.01
C ALA A 246 -52.04 4.31 8.72
N VAL A 247 -53.07 4.93 9.22
CA VAL A 247 -54.17 4.18 9.82
C VAL A 247 -55.49 4.76 9.37
N VAL A 248 -56.55 3.92 9.32
CA VAL A 248 -57.88 4.35 8.95
C VAL A 248 -58.69 4.47 10.26
N VAL A 249 -59.09 5.75 10.53
CA VAL A 249 -59.72 5.97 11.84
C VAL A 249 -61.14 6.40 11.61
N PRO A 250 -62.06 6.19 12.59
CA PRO A 250 -63.39 6.77 12.55
C PRO A 250 -63.14 8.28 12.56
N SER A 251 -64.04 9.03 11.73
CA SER A 251 -63.91 10.48 11.64
C SER A 251 -64.38 11.10 12.95
N GLY A 252 -63.63 12.07 13.46
CA GLY A 252 -63.96 12.67 14.75
C GLY A 252 -63.32 11.91 15.93
N GLN A 253 -62.60 10.83 15.67
CA GLN A 253 -61.83 10.18 16.75
C GLN A 253 -60.34 10.34 16.51
N GLU A 254 -59.96 11.32 15.67
CA GLU A 254 -58.56 11.50 15.27
C GLU A 254 -57.68 11.68 16.51
N GLN A 255 -58.22 12.36 17.54
CA GLN A 255 -57.42 12.79 18.68
C GLN A 255 -56.90 11.57 19.49
N ARG A 256 -57.58 10.42 19.30
CA ARG A 256 -57.23 9.21 20.04
C ARG A 256 -56.02 8.53 19.48
N TYR A 257 -55.54 8.94 18.29
CA TYR A 257 -54.47 8.25 17.64
C TYR A 257 -53.22 9.11 17.73
N THR A 258 -52.09 8.40 18.00
CA THR A 258 -50.75 8.96 18.15
C THR A 258 -49.77 8.16 17.29
N CYS A 259 -48.87 8.85 16.60
CA CYS A 259 -47.80 8.21 15.85
C CYS A 259 -46.50 8.31 16.65
N HIS A 260 -45.81 7.18 16.83
CA HIS A 260 -44.58 7.19 17.60
C HIS A 260 -43.39 6.91 16.68
N VAL A 261 -42.36 7.78 16.78
CA VAL A 261 -41.19 7.76 15.91
C VAL A 261 -39.94 7.52 16.74
N GLN A 262 -39.22 6.44 16.45
CA GLN A 262 -37.93 6.19 17.07
C GLN A 262 -36.85 6.30 16.00
N HIS A 263 -35.85 7.15 16.26
CA HIS A 263 -34.69 7.28 15.37
C HIS A 263 -33.44 7.69 16.18
N GLU A 264 -32.28 7.24 15.71
CA GLU A 264 -31.02 7.47 16.41
C GLU A 264 -30.80 8.97 16.59
N GLY A 265 -31.29 9.79 15.65
CA GLY A 265 -31.06 11.21 15.67
C GLY A 265 -32.00 11.98 16.61
N LEU A 266 -32.84 11.29 17.38
CA LEU A 266 -33.80 11.98 18.24
C LEU A 266 -33.35 11.96 19.70
N PRO A 267 -33.27 13.14 20.37
CA PRO A 267 -33.14 13.17 21.82
C PRO A 267 -34.08 12.14 22.43
N LYS A 268 -35.38 12.33 22.19
CA LYS A 268 -36.43 11.50 22.77
C LYS A 268 -37.39 11.07 21.67
N PRO A 269 -37.97 9.84 21.70
CA PRO A 269 -39.02 9.45 20.76
C PRO A 269 -40.11 10.53 20.65
N LEU A 270 -40.71 10.63 19.46
CA LEU A 270 -41.74 11.64 19.18
C LEU A 270 -43.08 10.96 19.31
N THR A 271 -44.03 11.70 19.89
CA THR A 271 -45.46 11.43 19.75
C THR A 271 -46.04 12.55 18.89
N LEU A 272 -46.68 12.20 17.77
CA LEU A 272 -47.45 13.15 16.99
C LEU A 272 -48.92 12.82 17.14
N ARG A 273 -49.77 13.84 16.95
CA ARG A 273 -51.21 13.72 17.08
C ARG A 273 -51.85 14.71 16.09
N TRP A 274 -52.90 14.29 15.37
CA TRP A 274 -53.45 15.15 14.33
C TRP A 274 -53.70 16.56 14.87
N GLU A 275 -53.27 17.58 14.09
CA GLU A 275 -53.41 18.99 14.47
C GLU A 275 -52.35 19.31 15.56
N MET B 1 -32.01 -22.07 -9.36
CA MET B 1 -32.04 -20.63 -9.71
C MET B 1 -33.32 -20.00 -9.14
N ILE B 2 -33.15 -19.04 -8.23
CA ILE B 2 -34.34 -18.41 -7.62
C ILE B 2 -34.98 -17.42 -8.62
N GLN B 3 -36.27 -17.22 -8.49
CA GLN B 3 -36.98 -16.21 -9.32
C GLN B 3 -37.78 -15.36 -8.33
N ARG B 4 -37.52 -14.07 -8.30
CA ARG B 4 -38.21 -13.17 -7.37
C ARG B 4 -38.62 -11.93 -8.15
N THR B 5 -39.92 -11.59 -8.11
N THR B 5 -39.91 -11.57 -8.04
CA THR B 5 -40.46 -10.46 -8.87
CA THR B 5 -40.47 -10.44 -8.75
C THR B 5 -40.23 -9.16 -8.11
C THR B 5 -40.12 -9.13 -8.05
N PRO B 6 -39.90 -8.04 -8.81
CA PRO B 6 -39.61 -6.76 -8.20
C PRO B 6 -40.76 -6.15 -7.44
N LYS B 7 -40.48 -5.60 -6.24
CA LYS B 7 -41.36 -4.66 -5.55
C LYS B 7 -41.00 -3.27 -6.05
N ILE B 8 -41.99 -2.37 -6.11
CA ILE B 8 -41.81 -1.09 -6.79
C ILE B 8 -42.42 -0.01 -5.93
N GLN B 9 -41.65 1.05 -5.68
CA GLN B 9 -42.21 2.26 -5.13
C GLN B 9 -41.84 3.44 -6.03
N VAL B 10 -42.81 4.35 -6.24
CA VAL B 10 -42.60 5.55 -7.03
C VAL B 10 -42.95 6.74 -6.15
N TYR B 11 -42.04 7.71 -6.06
CA TYR B 11 -42.21 8.82 -5.14
C TYR B 11 -41.24 9.92 -5.55
N SER B 12 -41.34 11.06 -4.84
CA SER B 12 -40.50 12.22 -5.05
C SER B 12 -39.53 12.37 -3.90
N ARG B 13 -38.39 13.05 -4.17
CA ARG B 13 -37.33 13.26 -3.19
C ARG B 13 -37.82 14.17 -2.08
N HIS B 14 -38.50 15.24 -2.49
CA HIS B 14 -39.04 16.29 -1.60
C HIS B 14 -40.56 16.28 -1.73
N PRO B 15 -41.33 16.76 -0.71
CA PRO B 15 -42.79 16.87 -0.81
C PRO B 15 -43.14 17.70 -2.04
N ALA B 16 -44.03 17.19 -2.89
CA ALA B 16 -44.26 17.82 -4.17
C ALA B 16 -44.94 19.16 -3.94
N GLU B 17 -44.49 20.17 -4.69
CA GLU B 17 -45.17 21.46 -4.75
C GLU B 17 -45.32 21.82 -6.23
N ASN B 18 -46.56 22.11 -6.66
CA ASN B 18 -46.83 22.33 -8.07
C ASN B 18 -45.92 23.46 -8.54
N GLY B 19 -45.18 23.20 -9.64
CA GLY B 19 -44.33 24.20 -10.27
C GLY B 19 -42.95 24.33 -9.62
N LYS B 20 -42.61 23.48 -8.65
CA LYS B 20 -41.26 23.53 -8.10
C LYS B 20 -40.51 22.29 -8.58
N SER B 21 -39.27 22.53 -9.02
CA SER B 21 -38.32 21.50 -9.41
C SER B 21 -38.09 20.46 -8.30
N ASN B 22 -37.90 19.19 -8.70
CA ASN B 22 -37.86 18.07 -7.76
C ASN B 22 -37.20 16.88 -8.46
N PHE B 23 -37.11 15.73 -7.76
CA PHE B 23 -36.67 14.46 -8.35
C PHE B 23 -37.75 13.37 -8.18
N LEU B 24 -38.01 12.66 -9.30
CA LEU B 24 -38.89 11.50 -9.36
C LEU B 24 -38.07 10.24 -9.18
N ASN B 25 -38.45 9.41 -8.20
CA ASN B 25 -37.75 8.19 -7.87
C ASN B 25 -38.60 6.98 -8.18
N CYS B 26 -37.98 5.92 -8.76
CA CYS B 26 -38.57 4.59 -8.81
C CYS B 26 -37.59 3.61 -8.16
N TYR B 27 -37.96 3.10 -6.97
CA TYR B 27 -37.16 2.15 -6.21
C TYR B 27 -37.67 0.73 -6.46
N VAL B 28 -36.82 -0.08 -7.12
CA VAL B 28 -37.14 -1.47 -7.41
C VAL B 28 -36.29 -2.36 -6.50
N SER B 29 -36.94 -3.29 -5.80
CA SER B 29 -36.23 -4.14 -4.84
C SER B 29 -36.83 -5.55 -4.80
N GLY B 30 -36.10 -6.43 -4.12
CA GLY B 30 -36.48 -7.80 -3.89
C GLY B 30 -36.51 -8.68 -5.13
N PHE B 31 -35.76 -8.33 -6.19
CA PHE B 31 -35.83 -9.11 -7.42
C PHE B 31 -34.60 -10.01 -7.61
N HIS B 32 -34.81 -11.03 -8.44
CA HIS B 32 -33.76 -11.96 -8.83
C HIS B 32 -34.28 -12.69 -10.05
N PRO B 33 -33.55 -12.89 -11.17
CA PRO B 33 -32.19 -12.40 -11.36
C PRO B 33 -32.04 -10.89 -11.49
N SER B 34 -30.88 -10.43 -11.96
CA SER B 34 -30.57 -9.01 -11.83
C SER B 34 -30.96 -8.19 -13.05
N ASP B 35 -31.16 -8.79 -14.22
CA ASP B 35 -31.53 -8.07 -15.43
C ASP B 35 -32.95 -7.53 -15.24
N ILE B 36 -33.14 -6.23 -15.48
CA ILE B 36 -34.43 -5.62 -15.25
C ILE B 36 -34.52 -4.41 -16.16
N GLU B 37 -35.73 -4.02 -16.55
CA GLU B 37 -35.94 -2.83 -17.37
C GLU B 37 -36.86 -1.88 -16.63
N VAL B 38 -36.36 -0.66 -16.38
CA VAL B 38 -37.11 0.33 -15.65
C VAL B 38 -37.15 1.62 -16.46
N ASP B 39 -38.36 2.19 -16.66
CA ASP B 39 -38.55 3.49 -17.29
C ASP B 39 -39.41 4.38 -16.39
N LEU B 40 -39.13 5.68 -16.38
CA LEU B 40 -40.03 6.67 -15.81
C LEU B 40 -40.82 7.29 -16.96
N LEU B 41 -42.14 7.50 -16.73
CA LEU B 41 -43.09 7.92 -17.75
C LEU B 41 -43.67 9.25 -17.34
N LYS B 42 -43.81 10.13 -18.34
CA LYS B 42 -44.52 11.40 -18.23
C LYS B 42 -45.66 11.37 -19.26
N ASN B 43 -46.89 11.37 -18.73
CA ASN B 43 -48.10 11.22 -19.53
C ASN B 43 -47.94 10.04 -20.49
N GLY B 44 -47.48 8.90 -19.98
CA GLY B 44 -47.41 7.66 -20.75
C GLY B 44 -46.16 7.50 -21.61
N GLU B 45 -45.30 8.53 -21.67
CA GLU B 45 -44.17 8.55 -22.58
C GLU B 45 -42.87 8.39 -21.78
N ARG B 46 -41.95 7.59 -22.32
CA ARG B 46 -40.64 7.35 -21.71
C ARG B 46 -39.88 8.67 -21.51
N ILE B 47 -39.37 8.92 -20.30
CA ILE B 47 -38.46 10.01 -20.07
C ILE B 47 -37.06 9.49 -20.45
N GLU B 48 -36.33 10.21 -21.30
CA GLU B 48 -34.96 9.86 -21.65
C GLU B 48 -33.99 10.32 -20.55
N LYS B 49 -32.83 9.68 -20.47
CA LYS B 49 -31.75 10.15 -19.59
C LYS B 49 -32.09 10.00 -18.10
N VAL B 50 -32.86 8.97 -17.78
CA VAL B 50 -33.01 8.56 -16.40
C VAL B 50 -31.70 7.94 -15.92
N GLU B 51 -31.31 8.23 -14.68
CA GLU B 51 -30.08 7.67 -14.10
C GLU B 51 -30.46 6.57 -13.10
N HIS B 52 -29.51 5.72 -12.70
CA HIS B 52 -29.81 4.67 -11.75
C HIS B 52 -28.60 4.43 -10.85
N SER B 53 -28.85 3.88 -9.68
CA SER B 53 -27.79 3.48 -8.74
C SER B 53 -27.05 2.23 -9.24
N ASP B 54 -25.92 1.94 -8.59
CA ASP B 54 -25.10 0.75 -8.78
C ASP B 54 -25.76 -0.43 -8.09
N LEU B 55 -25.88 -1.52 -8.84
CA LEU B 55 -26.55 -2.71 -8.38
C LEU B 55 -25.95 -3.21 -7.06
N SER B 56 -26.87 -3.41 -6.11
CA SER B 56 -26.57 -3.95 -4.81
C SER B 56 -27.65 -4.93 -4.42
N PHE B 57 -27.49 -5.54 -3.22
CA PHE B 57 -28.41 -6.57 -2.82
C PHE B 57 -28.53 -6.65 -1.31
N SER B 58 -29.64 -7.26 -0.90
CA SER B 58 -30.05 -7.38 0.51
C SER B 58 -29.55 -8.71 1.10
N LYS B 59 -29.82 -8.87 2.38
CA LYS B 59 -29.27 -9.97 3.17
C LYS B 59 -29.81 -11.28 2.61
N ASP B 60 -30.98 -11.27 1.96
CA ASP B 60 -31.57 -12.45 1.31
C ASP B 60 -31.14 -12.67 -0.17
N TRP B 61 -30.17 -11.89 -0.67
CA TRP B 61 -29.52 -12.00 -1.99
C TRP B 61 -30.34 -11.30 -3.08
N SER B 62 -31.53 -10.79 -2.75
CA SER B 62 -32.34 -10.06 -3.71
C SER B 62 -31.79 -8.64 -3.98
N PHE B 63 -31.91 -8.23 -5.23
CA PHE B 63 -31.31 -6.99 -5.74
C PHE B 63 -32.24 -5.80 -5.49
N TYR B 64 -31.61 -4.64 -5.46
CA TYR B 64 -32.33 -3.36 -5.44
C TYR B 64 -31.56 -2.31 -6.26
N LEU B 65 -32.34 -1.40 -6.87
CA LEU B 65 -31.87 -0.29 -7.68
C LEU B 65 -32.82 0.90 -7.47
N LEU B 66 -32.23 2.11 -7.50
CA LEU B 66 -32.96 3.37 -7.55
C LEU B 66 -32.78 3.99 -8.93
N TYR B 67 -33.88 4.23 -9.63
CA TYR B 67 -33.93 4.97 -10.87
C TYR B 67 -34.51 6.37 -10.58
N TYR B 68 -33.93 7.40 -11.19
CA TYR B 68 -34.34 8.75 -10.83
C TYR B 68 -34.08 9.72 -11.99
N THR B 69 -34.84 10.83 -11.96
CA THR B 69 -34.71 11.93 -12.91
C THR B 69 -35.30 13.18 -12.29
N GLU B 70 -34.95 14.32 -12.87
CA GLU B 70 -35.52 15.59 -12.49
C GLU B 70 -36.92 15.70 -13.04
N PHE B 71 -37.77 16.42 -12.31
CA PHE B 71 -39.10 16.72 -12.81
C PHE B 71 -39.66 17.87 -11.99
N THR B 72 -40.64 18.54 -12.62
CA THR B 72 -41.43 19.59 -12.04
C THR B 72 -42.87 19.08 -12.04
N PRO B 73 -43.42 18.62 -10.88
CA PRO B 73 -44.81 18.19 -10.86
C PRO B 73 -45.73 19.36 -11.16
N THR B 74 -46.90 19.09 -11.73
CA THR B 74 -47.95 20.09 -11.88
C THR B 74 -49.26 19.43 -11.49
N GLU B 75 -50.36 20.17 -11.54
CA GLU B 75 -51.62 19.61 -11.10
C GLU B 75 -52.05 18.46 -12.02
N LYS B 76 -51.77 18.54 -13.33
CA LYS B 76 -52.36 17.58 -14.26
C LYS B 76 -51.36 16.63 -14.93
N ASP B 77 -50.04 16.81 -14.80
CA ASP B 77 -49.10 15.85 -15.40
C ASP B 77 -49.10 14.54 -14.61
N GLU B 78 -49.15 13.40 -15.31
CA GLU B 78 -49.22 12.09 -14.68
C GLU B 78 -47.85 11.44 -14.83
N TYR B 79 -47.29 10.97 -13.74
CA TYR B 79 -45.99 10.31 -13.81
C TYR B 79 -46.18 8.86 -13.40
N ALA B 80 -45.27 7.99 -13.85
CA ALA B 80 -45.32 6.59 -13.45
C ALA B 80 -43.96 5.92 -13.66
N CYS B 81 -43.80 4.73 -13.05
CA CYS B 81 -42.65 3.85 -13.24
C CYS B 81 -43.13 2.58 -13.96
N ARG B 82 -42.44 2.17 -15.02
CA ARG B 82 -42.79 0.96 -15.77
C ARG B 82 -41.65 -0.05 -15.68
N VAL B 83 -41.97 -1.29 -15.23
CA VAL B 83 -40.92 -2.25 -14.94
C VAL B 83 -41.20 -3.52 -15.71
N ASN B 84 -40.15 -4.08 -16.35
CA ASN B 84 -40.24 -5.44 -16.82
C ASN B 84 -39.10 -6.27 -16.25
N HIS B 85 -39.34 -7.58 -16.09
CA HIS B 85 -38.42 -8.51 -15.45
C HIS B 85 -38.82 -9.89 -15.96
N VAL B 86 -37.94 -10.88 -15.90
CA VAL B 86 -38.24 -12.21 -16.40
C VAL B 86 -39.49 -12.77 -15.69
N THR B 87 -39.72 -12.39 -14.42
CA THR B 87 -40.85 -12.91 -13.67
C THR B 87 -42.20 -12.28 -14.06
N LEU B 88 -42.20 -11.20 -14.85
CA LEU B 88 -43.45 -10.53 -15.23
C LEU B 88 -43.84 -10.88 -16.68
N SER B 89 -45.08 -11.25 -16.92
CA SER B 89 -45.48 -11.62 -18.29
C SER B 89 -45.79 -10.38 -19.14
N GLN B 90 -46.00 -9.22 -18.50
CA GLN B 90 -45.92 -7.96 -19.24
C GLN B 90 -45.46 -6.85 -18.30
N PRO B 91 -45.07 -5.67 -18.80
CA PRO B 91 -44.64 -4.59 -17.90
C PRO B 91 -45.64 -4.23 -16.82
N LYS B 92 -45.17 -4.04 -15.60
CA LYS B 92 -46.00 -3.53 -14.53
C LYS B 92 -45.84 -2.01 -14.46
N ILE B 93 -46.94 -1.25 -14.39
CA ILE B 93 -46.90 0.20 -14.33
C ILE B 93 -47.42 0.67 -12.98
N VAL B 94 -46.66 1.50 -12.26
CA VAL B 94 -47.08 2.05 -10.98
C VAL B 94 -47.13 3.56 -11.12
N LYS B 95 -48.30 4.14 -10.83
CA LYS B 95 -48.49 5.57 -10.94
C LYS B 95 -47.89 6.27 -9.73
N TRP B 96 -47.34 7.47 -9.95
CA TRP B 96 -46.88 8.31 -8.86
C TRP B 96 -48.07 9.00 -8.19
N ASP B 97 -48.11 8.91 -6.86
CA ASP B 97 -49.05 9.61 -6.02
C ASP B 97 -48.25 10.45 -5.04
N ARG B 98 -48.47 11.77 -5.01
CA ARG B 98 -47.66 12.69 -4.23
C ARG B 98 -47.86 12.47 -2.73
N ASP B 99 -48.93 11.76 -2.36
CA ASP B 99 -49.26 11.52 -0.97
C ASP B 99 -48.83 10.12 -0.55
N MET B 100 -47.99 9.44 -1.35
CA MET B 100 -47.57 8.08 -1.03
C MET B 100 -46.07 7.84 -1.26
N SER C 1 -11.47 -0.55 2.44
CA SER C 1 -10.47 -1.22 1.56
C SER C 1 -10.87 -2.69 1.38
N LEU C 2 -10.76 -3.17 0.14
CA LEU C 2 -11.13 -4.55 -0.24
C LEU C 2 -10.19 -5.61 0.35
N ALA C 3 -10.71 -6.82 0.56
CA ALA C 3 -9.91 -7.98 0.96
C ALA C 3 -8.88 -8.33 -0.12
N GLY C 4 -7.71 -8.77 0.33
CA GLY C 4 -6.73 -9.37 -0.58
C GLY C 4 -7.00 -10.88 -0.77
N GLY C 5 -6.17 -11.52 -1.62
CA GLY C 5 -6.08 -12.98 -1.68
C GLY C 5 -7.26 -13.67 -2.41
N LEU C 6 -8.12 -12.90 -3.11
CA LEU C 6 -9.27 -13.51 -3.75
C LEU C 6 -8.86 -14.54 -4.82
N ASP C 7 -7.67 -14.43 -5.38
CA ASP C 7 -7.10 -15.39 -6.32
C ASP C 7 -7.00 -16.80 -5.69
N ASP C 8 -6.97 -16.88 -4.38
CA ASP C 8 -6.74 -18.11 -3.62
C ASP C 8 -8.04 -18.69 -3.09
N MET C 9 -9.18 -18.12 -3.51
CA MET C 9 -10.46 -18.47 -2.96
C MET C 9 -11.41 -19.01 -4.01
N LYS C 10 -10.92 -19.68 -5.05
CA LYS C 10 -11.81 -20.20 -6.07
C LYS C 10 -12.71 -21.29 -5.50
N ALA C 11 -13.93 -21.37 -6.00
CA ALA C 11 -14.90 -22.36 -5.55
C ALA C 11 -14.55 -23.78 -6.06
N LYS D 3 11.74 -20.47 11.11
CA LYS D 3 11.47 -19.00 11.05
C LYS D 3 10.34 -18.76 10.06
N GLU D 4 9.69 -17.60 10.14
CA GLU D 4 8.45 -17.42 9.40
C GLU D 4 8.78 -17.18 7.93
N VAL D 5 9.91 -16.53 7.68
CA VAL D 5 10.36 -16.26 6.29
C VAL D 5 11.82 -16.70 6.19
N GLU D 6 12.12 -17.63 5.29
CA GLU D 6 13.49 -18.20 5.19
C GLU D 6 14.01 -18.07 3.75
N GLN D 7 15.25 -17.61 3.60
CA GLN D 7 15.83 -17.40 2.25
C GLN D 7 17.15 -18.16 2.10
N ASN D 8 17.67 -18.26 0.88
CA ASN D 8 19.02 -18.85 0.67
C ASN D 8 20.01 -18.16 1.60
N SER D 9 20.80 -18.93 2.35
CA SER D 9 21.73 -18.34 3.34
C SER D 9 22.68 -17.32 2.68
N GLY D 10 23.32 -17.69 1.58
CA GLY D 10 24.30 -16.76 1.01
C GLY D 10 25.62 -16.81 1.76
N PRO D 11 26.68 -16.04 1.41
CA PRO D 11 26.66 -15.17 0.23
C PRO D 11 26.60 -16.03 -1.02
N LEU D 12 26.23 -15.41 -2.15
CA LEU D 12 26.07 -16.12 -3.41
C LEU D 12 26.95 -15.43 -4.44
N SER D 13 27.76 -16.23 -5.14
CA SER D 13 28.67 -15.78 -6.17
C SER D 13 28.23 -16.33 -7.52
N VAL D 14 28.17 -15.46 -8.55
CA VAL D 14 27.69 -15.82 -9.87
C VAL D 14 28.56 -15.13 -10.93
N PRO D 15 28.97 -15.82 -12.01
CA PRO D 15 29.72 -15.15 -13.06
C PRO D 15 28.80 -14.25 -13.88
N GLU D 16 29.33 -13.08 -14.30
CA GLU D 16 28.59 -12.15 -15.14
C GLU D 16 28.02 -12.94 -16.33
N GLY D 17 26.75 -12.75 -16.66
CA GLY D 17 26.10 -13.47 -17.74
C GLY D 17 25.21 -14.61 -17.25
N ALA D 18 25.49 -15.12 -16.06
CA ALA D 18 24.73 -16.28 -15.59
C ALA D 18 23.45 -15.85 -14.89
N ILE D 19 22.62 -16.87 -14.58
CA ILE D 19 21.35 -16.68 -13.88
C ILE D 19 21.59 -16.75 -12.38
N ALA D 20 21.22 -15.69 -11.65
CA ALA D 20 21.21 -15.71 -10.21
C ALA D 20 19.84 -16.21 -9.73
N SER D 21 19.84 -17.22 -8.86
CA SER D 21 18.63 -17.84 -8.36
C SER D 21 18.49 -17.58 -6.87
N LEU D 22 17.38 -16.93 -6.50
CA LEU D 22 17.07 -16.63 -5.12
C LEU D 22 15.73 -17.28 -4.75
N ASN D 23 15.67 -17.84 -3.54
CA ASN D 23 14.44 -18.56 -3.13
C ASN D 23 14.01 -18.10 -1.75
N CYS D 24 12.72 -18.15 -1.49
CA CYS D 24 12.19 -17.75 -0.17
C CYS D 24 11.01 -18.67 0.19
N THR D 25 11.06 -19.30 1.35
CA THR D 25 9.94 -20.09 1.86
C THR D 25 9.32 -19.39 3.05
N TYR D 26 8.01 -19.54 3.22
CA TYR D 26 7.29 -18.83 4.26
C TYR D 26 6.31 -19.80 4.93
N SER D 27 6.06 -19.60 6.22
CA SER D 27 5.39 -20.62 7.00
C SER D 27 3.86 -20.44 6.98
N ASP D 28 3.35 -19.23 6.71
CA ASP D 28 1.88 -19.00 6.83
C ASP D 28 1.19 -19.19 5.47
N ARG D 29 0.38 -20.24 5.36
CA ARG D 29 -0.39 -20.49 4.15
C ARG D 29 -1.36 -19.37 3.84
N GLY D 30 -1.65 -18.52 4.83
CA GLY D 30 -2.56 -17.39 4.62
C GLY D 30 -1.87 -16.10 4.21
N SER D 31 -0.58 -16.16 3.87
CA SER D 31 0.11 -14.97 3.38
C SER D 31 -0.40 -14.55 2.00
N GLN D 32 -0.50 -13.23 1.81
CA GLN D 32 -1.09 -12.69 0.59
C GLN D 32 -0.22 -11.75 -0.25
N SER D 33 0.73 -11.07 0.39
CA SER D 33 1.53 -10.04 -0.25
C SER D 33 3.02 -10.42 -0.12
N PHE D 34 3.73 -10.46 -1.23
CA PHE D 34 5.10 -10.94 -1.33
C PHE D 34 5.94 -9.95 -2.15
N PHE D 35 7.13 -9.66 -1.63
CA PHE D 35 7.97 -8.61 -2.16
C PHE D 35 9.42 -9.05 -2.18
N TRP D 36 10.15 -8.50 -3.14
CA TRP D 36 11.63 -8.66 -3.21
C TRP D 36 12.24 -7.26 -3.15
N TYR D 37 13.15 -7.03 -2.21
CA TYR D 37 13.86 -5.77 -2.04
C TYR D 37 15.32 -5.99 -2.42
N ARG D 38 15.94 -4.97 -3.04
CA ARG D 38 17.37 -4.92 -3.30
C ARG D 38 17.98 -3.82 -2.42
N GLN D 39 19.11 -4.14 -1.80
CA GLN D 39 19.79 -3.17 -0.95
C GLN D 39 21.28 -3.14 -1.29
N TYR D 40 21.71 -2.06 -1.96
CA TYR D 40 23.13 -1.85 -2.25
C TYR D 40 23.84 -1.50 -0.96
N SER D 41 25.15 -1.80 -0.93
CA SER D 41 25.98 -1.51 0.21
C SER D 41 25.90 -0.03 0.54
N GLY D 42 25.52 0.27 1.79
CA GLY D 42 25.40 1.61 2.33
C GLY D 42 24.17 2.36 1.84
N LYS D 43 23.18 1.68 1.23
CA LYS D 43 22.01 2.39 0.75
C LYS D 43 20.79 1.76 1.44
N SER D 44 19.60 2.23 1.10
CA SER D 44 18.41 1.70 1.72
C SER D 44 17.81 0.63 0.81
N PRO D 45 16.98 -0.26 1.41
CA PRO D 45 16.30 -1.29 0.66
C PRO D 45 15.40 -0.62 -0.36
N GLU D 46 15.34 -1.13 -1.59
CA GLU D 46 14.44 -0.63 -2.61
C GLU D 46 13.55 -1.77 -3.07
N LEU D 47 12.26 -1.50 -3.22
CA LEU D 47 11.35 -2.53 -3.67
C LEU D 47 11.57 -2.77 -5.15
N ILE D 48 11.88 -3.99 -5.59
CA ILE D 48 12.05 -4.23 -7.01
C ILE D 48 10.97 -5.12 -7.60
N MET D 49 10.30 -6.01 -6.82
CA MET D 49 9.19 -6.81 -7.36
C MET D 49 8.11 -7.03 -6.29
N SER D 50 6.83 -7.11 -6.73
CA SER D 50 5.68 -7.43 -5.88
C SER D 50 4.91 -8.51 -6.61
N ILE D 51 4.32 -9.47 -5.88
CA ILE D 51 3.59 -10.56 -6.51
C ILE D 51 2.52 -11.07 -5.54
N TYR D 52 1.32 -11.37 -6.10
CA TYR D 52 0.16 -11.59 -5.26
C TYR D 52 -0.62 -12.86 -5.62
N GLU D 53 -0.25 -13.60 -6.65
CA GLU D 53 -0.97 -14.80 -7.05
C GLU D 53 0.03 -15.84 -7.52
N THR D 54 -0.32 -17.13 -7.43
CA THR D 54 0.48 -18.20 -8.03
C THR D 54 0.58 -17.87 -9.50
N SER D 55 1.82 -17.64 -9.96
CA SER D 55 2.08 -17.06 -11.26
C SER D 55 3.61 -16.86 -11.38
N ILE D 56 3.99 -16.49 -12.60
CA ILE D 56 5.31 -15.99 -12.93
C ILE D 56 5.15 -14.56 -13.44
N LYS D 57 5.95 -13.62 -12.92
CA LYS D 57 5.90 -12.24 -13.33
C LYS D 57 7.30 -11.80 -13.76
N GLU D 58 7.36 -11.22 -14.95
CA GLU D 58 8.64 -10.86 -15.56
C GLU D 58 8.73 -9.34 -15.54
N ASP D 59 9.91 -8.83 -15.18
CA ASP D 59 10.23 -7.44 -15.38
C ASP D 59 11.71 -7.32 -15.78
N GLY D 60 11.93 -7.12 -17.08
CA GLY D 60 13.25 -7.11 -17.68
C GLY D 60 14.00 -8.42 -17.46
N ARG D 61 15.17 -8.33 -16.81
CA ARG D 61 15.97 -9.51 -16.49
C ARG D 61 15.45 -10.22 -15.23
N PHE D 62 14.45 -9.66 -14.55
CA PHE D 62 13.96 -10.21 -13.28
C PHE D 62 12.71 -11.07 -13.49
N THR D 63 12.68 -12.29 -12.94
CA THR D 63 11.46 -13.08 -12.95
C THR D 63 11.10 -13.42 -11.52
N ALA D 64 9.92 -13.03 -11.06
CA ALA D 64 9.43 -13.51 -9.78
C ALA D 64 8.44 -14.65 -10.00
N GLN D 65 8.46 -15.66 -9.12
CA GLN D 65 7.48 -16.74 -9.23
C GLN D 65 6.98 -17.08 -7.83
N LEU D 66 5.64 -17.08 -7.68
CA LEU D 66 4.99 -17.43 -6.43
C LEU D 66 4.22 -18.73 -6.63
N ASN D 67 4.27 -19.58 -5.62
CA ASN D 67 3.43 -20.77 -5.53
C ASN D 67 2.80 -20.80 -4.16
N LYS D 68 1.54 -20.33 -4.03
CA LYS D 68 0.92 -20.28 -2.74
C LYS D 68 0.70 -21.67 -2.15
N ALA D 69 0.40 -22.67 -2.99
CA ALA D 69 0.13 -23.99 -2.47
C ALA D 69 1.37 -24.63 -1.84
N SER D 70 2.56 -24.40 -2.40
CA SER D 70 3.80 -24.90 -1.84
C SER D 70 4.51 -23.92 -0.93
N GLN D 71 4.00 -22.68 -0.81
CA GLN D 71 4.54 -21.67 0.07
C GLN D 71 6.01 -21.33 -0.23
N TYR D 72 6.29 -20.95 -1.47
CA TYR D 72 7.60 -20.40 -1.79
C TYR D 72 7.41 -19.26 -2.81
N VAL D 73 8.38 -18.34 -2.80
CA VAL D 73 8.48 -17.32 -3.82
C VAL D 73 9.95 -17.22 -4.24
N SER D 74 10.21 -17.11 -5.56
CA SER D 74 11.57 -17.08 -6.08
C SER D 74 11.80 -15.80 -6.88
N LEU D 75 13.08 -15.44 -7.05
CA LEU D 75 13.52 -14.33 -7.88
C LEU D 75 14.71 -14.84 -8.71
N LEU D 76 14.61 -14.73 -10.03
CA LEU D 76 15.67 -15.06 -10.96
C LEU D 76 16.16 -13.77 -11.59
N ILE D 77 17.50 -13.61 -11.63
CA ILE D 77 18.14 -12.54 -12.36
C ILE D 77 18.91 -13.18 -13.52
N ARG D 78 18.49 -12.86 -14.74
CA ARG D 78 19.10 -13.40 -15.95
C ARG D 78 20.18 -12.43 -16.42
N ASP D 79 21.19 -12.99 -17.10
CA ASP D 79 22.26 -12.15 -17.65
C ASP D 79 22.82 -11.28 -16.54
N SER D 80 23.19 -11.90 -15.42
CA SER D 80 23.62 -11.16 -14.23
C SER D 80 24.77 -10.21 -14.56
N GLN D 81 24.72 -9.01 -13.95
CA GLN D 81 25.69 -7.95 -14.16
C GLN D 81 26.37 -7.63 -12.83
N PRO D 82 27.65 -7.17 -12.82
CA PRO D 82 28.28 -6.70 -11.59
C PRO D 82 27.45 -5.70 -10.79
N SER D 83 26.71 -4.83 -11.51
CA SER D 83 25.88 -3.80 -10.88
C SER D 83 24.68 -4.42 -10.15
N ASP D 84 24.39 -5.71 -10.36
CA ASP D 84 23.38 -6.43 -9.60
C ASP D 84 23.89 -6.85 -8.22
N SER D 85 25.19 -6.69 -7.94
CA SER D 85 25.74 -7.12 -6.66
C SER D 85 25.15 -6.27 -5.53
N ALA D 86 24.51 -6.92 -4.54
CA ALA D 86 23.60 -6.30 -3.59
C ALA D 86 23.09 -7.40 -2.66
N THR D 87 22.39 -6.98 -1.59
CA THR D 87 21.69 -7.91 -0.75
C THR D 87 20.22 -7.91 -1.16
N TYR D 88 19.67 -9.10 -1.34
CA TYR D 88 18.26 -9.24 -1.80
C TYR D 88 17.43 -9.79 -0.65
N LEU D 89 16.33 -9.11 -0.34
CA LEU D 89 15.51 -9.50 0.83
C LEU D 89 14.10 -9.94 0.41
N CYS D 90 13.65 -11.08 0.92
CA CYS D 90 12.27 -11.54 0.71
C CYS D 90 11.44 -10.92 1.83
N ALA D 91 10.26 -10.40 1.51
CA ALA D 91 9.42 -9.83 2.54
C ALA D 91 7.97 -10.27 2.28
N VAL D 92 7.27 -10.61 3.37
CA VAL D 92 5.88 -11.06 3.35
C VAL D 92 5.04 -10.26 4.35
N GLY D 93 3.86 -9.86 3.88
CA GLY D 93 2.91 -9.20 4.77
C GLY D 93 2.44 -10.18 5.81
N GLU D 94 2.58 -9.81 7.08
CA GLU D 94 2.21 -10.71 8.20
C GLU D 94 0.70 -10.77 8.39
N ARG D 95 0.12 -11.95 8.20
CA ARG D 95 -1.33 -12.13 8.39
C ARG D 95 -1.70 -11.87 9.84
N VAL D 96 -1.06 -12.59 10.75
CA VAL D 96 -1.37 -12.45 12.21
C VAL D 96 -1.18 -10.98 12.59
N GLY D 97 -2.19 -10.41 13.25
CA GLY D 97 -2.12 -9.00 13.63
C GLY D 97 -2.93 -8.14 12.69
N GLY D 98 -3.36 -8.70 11.56
CA GLY D 98 -4.21 -7.97 10.61
C GLY D 98 -3.44 -7.35 9.45
N TYR D 99 -2.50 -8.10 8.87
CA TYR D 99 -1.76 -7.61 7.68
C TYR D 99 -1.22 -6.21 7.96
N ASN D 100 -0.51 -6.04 9.07
CA ASN D 100 -0.09 -4.66 9.44
C ASN D 100 1.42 -4.42 9.38
N LYS D 101 2.20 -5.43 9.02
CA LYS D 101 3.66 -5.22 8.89
C LYS D 101 4.31 -6.25 7.97
N LEU D 102 5.62 -6.08 7.73
CA LEU D 102 6.36 -7.00 6.88
C LEU D 102 7.20 -7.88 7.78
N ILE D 103 7.35 -9.14 7.41
CA ILE D 103 8.38 -10.01 7.98
C ILE D 103 9.42 -10.18 6.88
N PHE D 104 10.67 -9.93 7.22
CA PHE D 104 11.76 -10.00 6.21
C PHE D 104 12.63 -11.23 6.43
N GLY D 105 13.09 -11.82 5.33
CA GLY D 105 14.05 -12.92 5.44
C GLY D 105 15.42 -12.37 5.80
N ALA D 106 16.38 -13.25 6.02
CA ALA D 106 17.72 -12.82 6.47
C ALA D 106 18.49 -12.11 5.36
N GLY D 107 18.17 -12.42 4.12
CA GLY D 107 18.81 -11.73 3.00
C GLY D 107 19.86 -12.59 2.34
N THR D 108 20.06 -12.41 1.04
CA THR D 108 21.09 -13.16 0.32
C THR D 108 22.00 -12.15 -0.33
N ARG D 109 23.27 -12.13 0.08
CA ARG D 109 24.24 -11.26 -0.52
C ARG D 109 24.67 -11.87 -1.85
N LEU D 110 24.40 -11.18 -2.98
CA LEU D 110 24.83 -11.61 -4.30
C LEU D 110 26.03 -10.76 -4.72
N THR D 111 27.09 -11.46 -5.15
CA THR D 111 28.23 -10.86 -5.83
C THR D 111 28.26 -11.39 -7.26
N VAL D 112 28.22 -10.48 -8.25
CA VAL D 112 28.36 -10.87 -9.64
C VAL D 112 29.78 -10.51 -10.09
N LYS D 113 30.58 -11.53 -10.40
CA LYS D 113 31.98 -11.34 -10.73
C LYS D 113 32.12 -10.92 -12.18
N PRO D 114 32.80 -9.80 -12.49
CA PRO D 114 32.94 -9.35 -13.86
C PRO D 114 33.69 -10.33 -14.74
N ASN D 115 33.29 -10.31 -16.01
CA ASN D 115 33.94 -11.12 -17.03
C ASN D 115 35.02 -10.27 -17.69
N ILE D 116 36.25 -10.42 -17.20
CA ILE D 116 37.41 -9.66 -17.78
C ILE D 116 37.77 -10.38 -19.08
N GLN D 117 37.51 -9.75 -20.21
CA GLN D 117 37.63 -10.45 -21.49
C GLN D 117 39.01 -10.25 -22.10
N ASN D 118 39.81 -9.32 -21.54
CA ASN D 118 41.17 -9.16 -22.02
C ASN D 118 42.07 -8.82 -20.84
N PRO D 119 42.37 -9.78 -19.93
CA PRO D 119 43.17 -9.45 -18.77
C PRO D 119 44.55 -8.93 -19.15
N ASP D 120 44.96 -7.82 -18.52
CA ASP D 120 46.31 -7.22 -18.76
C ASP D 120 46.87 -6.84 -17.40
N PRO D 121 47.02 -7.78 -16.45
CA PRO D 121 47.41 -7.42 -15.10
C PRO D 121 48.68 -6.60 -15.05
N ALA D 122 48.75 -5.63 -14.12
CA ALA D 122 49.92 -4.77 -14.00
C ALA D 122 49.84 -3.90 -12.74
N VAL D 123 51.00 -3.42 -12.30
CA VAL D 123 51.07 -2.51 -11.17
C VAL D 123 51.68 -1.21 -11.69
N TYR D 124 51.06 -0.09 -11.32
CA TYR D 124 51.53 1.23 -11.74
C TYR D 124 51.71 2.07 -10.48
N GLN D 125 52.54 3.12 -10.59
CA GLN D 125 52.71 4.10 -9.54
C GLN D 125 52.17 5.44 -10.05
N LEU D 126 51.49 6.15 -9.17
CA LEU D 126 50.84 7.41 -9.53
C LEU D 126 51.38 8.50 -8.62
N ARG D 127 51.71 9.68 -9.17
CA ARG D 127 52.21 10.77 -8.32
C ARG D 127 51.08 11.69 -7.86
N ASP D 128 51.21 12.22 -6.61
CA ASP D 128 50.35 13.24 -6.04
C ASP D 128 50.35 14.47 -6.94
N SER D 129 49.13 14.99 -7.18
CA SER D 129 48.90 16.18 -7.98
CA SER D 129 48.95 16.17 -8.01
C SER D 129 49.58 17.41 -7.36
N LYS D 130 49.51 17.53 -6.02
CA LYS D 130 50.11 18.66 -5.28
C LYS D 130 51.60 18.44 -4.98
N SER D 131 51.93 17.62 -3.97
CA SER D 131 53.34 17.36 -3.65
C SER D 131 53.89 16.40 -4.70
N SER D 132 55.22 16.37 -4.86
CA SER D 132 55.86 15.45 -5.80
C SER D 132 56.38 14.21 -5.08
N ASP D 133 56.39 14.22 -3.73
CA ASP D 133 57.02 13.18 -2.93
C ASP D 133 56.05 12.02 -2.68
N LYS D 134 54.74 12.27 -2.59
CA LYS D 134 53.79 11.22 -2.23
C LYS D 134 53.37 10.46 -3.48
N SER D 135 53.12 9.16 -3.33
CA SER D 135 52.58 8.35 -4.41
C SER D 135 51.71 7.23 -3.84
N VAL D 136 50.94 6.59 -4.73
CA VAL D 136 50.28 5.36 -4.38
C VAL D 136 50.63 4.32 -5.45
N CYS D 137 50.22 3.07 -5.19
CA CYS D 137 50.40 1.99 -6.15
C CYS D 137 49.05 1.45 -6.61
N LEU D 138 48.91 1.18 -7.92
CA LEU D 138 47.66 0.69 -8.49
C LEU D 138 47.88 -0.68 -9.15
N PHE D 139 47.25 -1.72 -8.57
CA PHE D 139 47.19 -3.03 -9.18
C PHE D 139 45.88 -3.14 -9.96
N THR D 140 45.96 -3.26 -11.28
CA THR D 140 44.72 -3.22 -12.09
C THR D 140 44.71 -4.17 -13.27
N ASP D 141 43.55 -4.33 -13.91
CA ASP D 141 43.39 -5.15 -15.14
C ASP D 141 43.59 -6.64 -14.84
N PHE D 142 43.41 -7.06 -13.60
CA PHE D 142 43.57 -8.48 -13.22
C PHE D 142 42.24 -9.22 -13.35
N ASP D 143 42.31 -10.54 -13.55
CA ASP D 143 41.10 -11.37 -13.74
C ASP D 143 40.29 -11.41 -12.45
N SER D 144 39.01 -11.78 -12.55
CA SER D 144 38.17 -11.69 -11.37
C SER D 144 38.39 -12.89 -10.42
N GLN D 145 39.19 -13.89 -10.81
CA GLN D 145 39.52 -14.98 -9.91
C GLN D 145 40.70 -14.62 -8.99
N THR D 146 41.39 -13.50 -9.25
CA THR D 146 42.47 -13.01 -8.41
C THR D 146 41.88 -12.30 -7.20
N ASN D 147 42.43 -12.56 -6.00
CA ASN D 147 42.01 -11.78 -4.84
C ASN D 147 43.24 -11.36 -4.03
N VAL D 148 43.12 -10.13 -3.49
CA VAL D 148 44.29 -9.44 -2.88
C VAL D 148 44.54 -9.76 -1.41
N SER D 149 45.80 -10.07 -1.10
CA SER D 149 46.17 -10.31 0.31
C SER D 149 46.22 -8.95 1.00
N GLN D 150 45.63 -8.85 2.19
CA GLN D 150 45.70 -7.58 2.95
C GLN D 150 47.16 -7.37 3.41
N SER D 151 47.50 -6.17 3.87
CA SER D 151 48.91 -5.85 4.20
C SER D 151 49.52 -6.75 5.28
N LYS D 152 50.85 -6.87 5.29
CA LYS D 152 51.57 -7.61 6.35
C LYS D 152 52.27 -6.58 7.24
N ASP D 153 52.83 -5.52 6.64
CA ASP D 153 53.49 -4.44 7.42
C ASP D 153 52.45 -3.39 7.82
N SER D 154 52.31 -3.12 9.11
CA SER D 154 51.32 -2.13 9.60
C SER D 154 51.62 -0.77 8.98
N ASP D 155 52.72 -0.69 8.23
CA ASP D 155 53.12 0.53 7.56
C ASP D 155 52.73 0.53 6.09
N VAL D 156 52.10 -0.55 5.65
CA VAL D 156 51.61 -0.64 4.25
C VAL D 156 50.08 -0.80 4.30
N TYR D 157 49.37 -0.10 3.43
CA TYR D 157 47.92 -0.19 3.35
C TYR D 157 47.55 -0.77 1.99
N ILE D 158 46.77 -1.85 1.98
CA ILE D 158 46.29 -2.43 0.70
C ILE D 158 44.76 -2.52 0.76
N THR D 159 44.09 -1.92 -0.21
CA THR D 159 42.61 -1.92 -0.22
C THR D 159 42.11 -3.19 -0.80
N ASP D 160 40.83 -3.48 -0.61
CA ASP D 160 40.25 -4.66 -1.30
C ASP D 160 40.09 -4.29 -2.78
N LYS D 161 39.84 -5.29 -3.61
CA LYS D 161 39.62 -5.04 -5.03
C LYS D 161 38.25 -4.36 -5.24
N CYS D 162 38.11 -3.74 -6.41
CA CYS D 162 37.02 -2.85 -6.70
C CYS D 162 36.76 -2.94 -8.19
N VAL D 163 35.50 -3.12 -8.61
CA VAL D 163 35.18 -3.24 -10.02
C VAL D 163 34.73 -1.86 -10.51
N LEU D 164 35.36 -1.31 -11.55
CA LEU D 164 34.86 -0.09 -12.18
C LEU D 164 34.38 -0.37 -13.60
N ASP D 165 33.37 0.40 -14.02
CA ASP D 165 32.69 0.20 -15.30
C ASP D 165 32.83 1.45 -16.15
N MET D 166 33.56 1.35 -17.25
CA MET D 166 33.63 2.48 -18.20
C MET D 166 32.50 2.21 -19.19
N ARG D 167 31.26 2.41 -18.76
CA ARG D 167 30.07 2.10 -19.59
C ARG D 167 30.28 2.54 -21.04
N SER D 168 30.88 3.71 -21.27
CA SER D 168 31.03 4.24 -22.65
C SER D 168 31.84 3.30 -23.54
N MET D 169 32.49 2.29 -22.97
CA MET D 169 33.40 1.46 -23.80
C MET D 169 33.08 -0.05 -23.69
N ASP D 170 32.10 -0.45 -22.88
CA ASP D 170 31.78 -1.90 -22.66
C ASP D 170 32.96 -2.54 -21.93
N PHE D 171 33.69 -1.73 -21.16
CA PHE D 171 34.89 -2.23 -20.46
C PHE D 171 34.72 -2.12 -18.98
N LYS D 172 35.02 -3.21 -18.29
CA LYS D 172 35.03 -3.19 -16.81
C LYS D 172 36.47 -3.56 -16.44
N SER D 173 36.88 -3.23 -15.22
CA SER D 173 38.26 -3.52 -14.78
C SER D 173 38.31 -3.60 -13.25
N ASN D 174 39.10 -4.53 -12.72
CA ASN D 174 39.28 -4.64 -11.25
C ASN D 174 40.52 -3.85 -10.84
N SER D 175 40.51 -3.30 -9.63
CA SER D 175 41.76 -2.66 -9.19
C SER D 175 41.84 -2.69 -7.68
N ALA D 176 43.08 -2.58 -7.17
CA ALA D 176 43.27 -2.38 -5.74
C ALA D 176 44.36 -1.35 -5.58
N VAL D 177 44.38 -0.66 -4.43
CA VAL D 177 45.33 0.43 -4.22
C VAL D 177 46.21 0.06 -3.03
N ALA D 178 47.48 0.45 -3.10
CA ALA D 178 48.40 0.28 -1.98
C ALA D 178 49.16 1.59 -1.76
N TRP D 179 49.45 1.89 -0.50
CA TRP D 179 50.35 3.02 -0.20
C TRP D 179 51.05 2.83 1.14
N SER D 180 52.03 3.70 1.44
CA SER D 180 52.65 3.74 2.76
C SER D 180 53.52 4.98 2.97
N ASN D 181 53.95 5.17 4.23
CA ASN D 181 55.12 5.99 4.58
C ASN D 181 56.34 5.07 4.67
N PHE D 185 59.62 1.70 0.16
CA PHE D 185 58.35 1.21 -0.44
C PHE D 185 58.42 1.33 -1.96
N ALA D 186 58.47 0.18 -2.64
CA ALA D 186 58.45 0.12 -4.09
C ALA D 186 57.12 -0.50 -4.50
N CYS D 187 56.65 -0.09 -5.68
CA CYS D 187 55.32 -0.48 -6.16
C CYS D 187 55.31 -1.91 -6.71
N ALA D 188 56.29 -2.24 -7.55
CA ALA D 188 56.41 -3.56 -8.15
C ALA D 188 56.21 -4.67 -7.11
N ASN D 189 56.62 -4.41 -5.86
CA ASN D 189 56.63 -5.39 -4.79
C ASN D 189 55.32 -5.51 -4.03
N ALA D 190 54.57 -4.40 -3.94
CA ALA D 190 53.70 -4.17 -2.80
C ALA D 190 52.58 -5.20 -2.67
N PHE D 191 52.17 -5.87 -3.75
CA PHE D 191 50.95 -6.68 -3.68
C PHE D 191 51.21 -8.19 -3.58
N ASN D 192 52.32 -8.63 -2.95
CA ASN D 192 52.64 -10.07 -2.85
C ASN D 192 52.31 -10.60 -1.45
N GLY E 4 8.79 10.84 -1.69
CA GLY E 4 8.97 9.56 -1.00
C GLY E 4 9.10 9.79 0.51
N VAL E 5 10.01 9.07 1.14
CA VAL E 5 10.24 9.20 2.58
C VAL E 5 11.53 9.97 2.81
N THR E 6 11.50 11.00 3.63
CA THR E 6 12.73 11.70 3.96
C THR E 6 13.09 11.47 5.42
N GLN E 7 14.39 11.54 5.75
CA GLN E 7 14.83 11.39 7.12
C GLN E 7 15.80 12.50 7.44
N THR E 8 15.68 13.12 8.61
CA THR E 8 16.70 14.07 9.03
C THR E 8 17.16 13.67 10.44
N PRO E 9 18.46 13.81 10.80
CA PRO E 9 19.51 14.21 9.88
C PRO E 9 19.89 12.96 9.12
N LYS E 10 20.86 13.13 8.22
CA LYS E 10 21.43 12.01 7.49
C LYS E 10 22.51 11.31 8.31
N PHE E 11 23.27 12.09 9.09
CA PHE E 11 24.38 11.56 9.86
C PHE E 11 24.41 12.35 11.17
N ARG E 12 24.89 11.73 12.26
CA ARG E 12 24.99 12.41 13.55
C ARG E 12 26.05 11.70 14.38
N VAL E 13 26.88 12.52 15.02
CA VAL E 13 27.76 12.07 16.09
C VAL E 13 27.16 12.54 17.41
N LEU E 14 27.11 11.63 18.39
CA LEU E 14 26.66 11.99 19.72
C LEU E 14 27.73 11.53 20.68
N LYS E 15 27.89 12.26 21.76
CA LYS E 15 28.62 11.77 22.92
C LYS E 15 27.65 10.94 23.75
N THR E 16 28.12 9.81 24.29
CA THR E 16 27.39 9.06 25.31
C THR E 16 26.67 9.99 26.29
N GLY E 17 25.37 9.78 26.44
CA GLY E 17 24.59 10.53 27.41
C GLY E 17 23.76 11.64 26.77
N GLN E 18 24.06 12.02 25.50
CA GLN E 18 23.32 13.09 24.84
C GLN E 18 22.03 12.54 24.25
N SER E 19 21.04 13.43 24.03
CA SER E 19 19.79 13.04 23.41
C SER E 19 19.73 13.52 21.96
N MET E 20 18.86 12.90 21.15
CA MET E 20 18.56 13.37 19.80
C MET E 20 17.18 12.83 19.40
N THR E 21 16.60 13.47 18.37
CA THR E 21 15.36 12.99 17.75
C THR E 21 15.68 12.80 16.28
N LEU E 22 15.31 11.66 15.69
CA LEU E 22 15.37 11.44 14.26
C LEU E 22 13.97 11.68 13.72
N GLN E 23 13.86 12.40 12.62
CA GLN E 23 12.57 12.71 12.03
C GLN E 23 12.41 11.93 10.72
N CYS E 24 11.22 11.36 10.53
CA CYS E 24 10.85 10.72 9.30
C CYS E 24 9.60 11.44 8.80
N ALA E 25 9.59 11.77 7.50
CA ALA E 25 8.46 12.45 6.89
C ALA E 25 8.12 11.76 5.58
N GLN E 26 6.84 11.72 5.29
CA GLN E 26 6.36 11.25 4.00
C GLN E 26 5.08 12.02 3.63
N ASP E 27 4.97 12.13 2.30
CA ASP E 27 3.97 12.87 1.56
C ASP E 27 3.16 11.90 0.69
N MET E 28 3.15 10.58 1.01
CA MET E 28 2.58 9.55 0.15
C MET E 28 1.16 9.18 0.61
N ASN E 29 0.58 9.90 1.59
CA ASN E 29 -0.73 9.59 2.17
C ASN E 29 -0.73 8.26 2.95
N HIS E 30 0.45 7.90 3.44
CA HIS E 30 0.62 6.62 4.12
C HIS E 30 0.15 6.71 5.57
N ASN E 31 -0.51 5.66 6.05
CA ASN E 31 -1.00 5.61 7.40
C ASN E 31 -0.04 4.86 8.33
N SER E 32 0.76 3.96 7.76
CA SER E 32 1.64 3.12 8.61
C SER E 32 3.10 3.56 8.47
N MET E 33 3.77 3.77 9.60
CA MET E 33 5.18 4.23 9.59
C MET E 33 6.03 3.36 10.53
N TYR E 34 7.29 3.13 10.18
CA TYR E 34 8.13 2.18 10.93
C TYR E 34 9.53 2.72 11.14
N TRP E 35 10.14 2.37 12.27
CA TRP E 35 11.54 2.76 12.53
C TRP E 35 12.35 1.48 12.74
N TYR E 36 13.39 1.31 11.94
CA TYR E 36 14.26 0.11 12.05
C TYR E 36 15.69 0.50 12.32
N ARG E 37 16.47 -0.44 12.86
CA ARG E 37 17.93 -0.24 12.99
C ARG E 37 18.56 -1.35 12.15
N GLN E 38 19.73 -1.08 11.56
CA GLN E 38 20.43 -2.13 10.79
C GLN E 38 21.91 -2.21 11.21
N ASP E 39 22.31 -3.37 11.69
CA ASP E 39 23.71 -3.60 12.12
C ASP E 39 24.23 -4.88 11.46
N PRO E 40 25.53 -4.95 11.12
CA PRO E 40 26.07 -6.18 10.56
C PRO E 40 25.73 -7.44 11.35
N GLY E 41 25.34 -8.49 10.63
CA GLY E 41 25.05 -9.79 11.27
C GLY E 41 23.64 -9.90 11.82
N MET E 42 22.82 -8.86 11.71
CA MET E 42 21.48 -8.90 12.36
C MET E 42 20.39 -8.48 11.37
N GLY E 43 20.77 -7.82 10.27
CA GLY E 43 19.77 -7.33 9.31
C GLY E 43 18.90 -6.25 9.91
N LEU E 44 17.74 -6.03 9.29
CA LEU E 44 16.82 -4.97 9.75
C LEU E 44 16.11 -5.45 11.03
N ARG E 45 16.07 -4.59 12.04
CA ARG E 45 15.34 -4.93 13.29
C ARG E 45 14.36 -3.78 13.61
N LEU E 46 13.08 -4.12 13.71
CA LEU E 46 12.04 -3.10 13.96
C LEU E 46 12.13 -2.63 15.41
N ILE E 47 12.13 -1.32 15.61
CA ILE E 47 12.19 -0.74 16.98
C ILE E 47 10.75 -0.48 17.43
N HIS E 48 10.02 0.32 16.66
CA HIS E 48 8.61 0.63 16.97
C HIS E 48 7.89 0.89 15.64
N TYR E 49 6.58 0.77 15.62
CA TYR E 49 5.80 1.12 14.40
C TYR E 49 4.54 1.85 14.82
N SER E 50 3.84 2.43 13.85
CA SER E 50 2.70 3.29 14.12
C SER E 50 1.66 3.26 13.01
N ARG E 51 0.42 2.91 13.38
CA ARG E 51 -0.72 2.98 12.49
C ARG E 51 -1.54 4.19 12.88
N TRP E 52 -1.69 5.13 11.95
CA TRP E 52 -2.36 6.39 12.23
C TRP E 52 -3.79 6.15 12.73
N GLY E 53 -4.14 6.68 13.91
CA GLY E 53 -5.42 6.43 14.54
C GLY E 53 -5.37 5.40 15.69
N TRP E 54 -4.19 4.81 15.88
CA TRP E 54 -3.95 3.78 16.89
C TRP E 54 -2.77 4.21 17.76
N GLU E 55 -2.57 3.51 18.87
CA GLU E 55 -1.42 3.75 19.72
C GLU E 55 -0.21 3.17 19.00
N THR E 56 0.99 3.70 19.25
CA THR E 56 2.17 3.11 18.63
C THR E 56 2.39 1.72 19.20
N ALA E 57 3.09 0.87 18.45
CA ALA E 57 3.34 -0.52 18.81
C ALA E 57 4.85 -0.78 18.88
N LYS E 58 5.30 -1.51 19.90
CA LYS E 58 6.71 -1.91 20.00
C LYS E 58 7.06 -2.93 18.92
N GLY E 59 8.28 -2.84 18.42
CA GLY E 59 8.81 -3.85 17.52
C GLY E 59 9.60 -4.90 18.29
N GLU E 60 10.64 -5.48 17.65
CA GLU E 60 11.50 -6.47 18.28
C GLU E 60 12.49 -5.82 19.27
N VAL E 61 12.96 -4.60 19.00
CA VAL E 61 14.03 -4.00 19.79
C VAL E 61 13.68 -2.58 20.26
N PRO E 62 12.58 -2.39 21.04
CA PRO E 62 12.14 -1.07 21.51
C PRO E 62 12.97 -0.38 22.59
N ASP E 63 13.68 -1.15 23.44
CA ASP E 63 14.32 -0.62 24.60
C ASP E 63 15.41 0.39 24.22
N GLY E 64 15.40 1.53 24.92
CA GLY E 64 16.29 2.64 24.67
C GLY E 64 15.75 3.70 23.70
N TYR E 65 14.59 3.45 23.07
CA TYR E 65 14.01 4.37 22.11
C TYR E 65 12.56 4.70 22.47
N ASN E 66 12.15 5.93 22.17
CA ASN E 66 10.76 6.35 22.27
C ASN E 66 10.32 6.80 20.87
N VAL E 67 9.01 6.80 20.61
CA VAL E 67 8.51 7.34 19.36
C VAL E 67 7.34 8.29 19.63
N SER E 68 7.08 9.10 18.62
CA SER E 68 5.96 10.02 18.65
C SER E 68 5.36 10.11 17.23
N ARG E 69 4.02 10.01 17.14
CA ARG E 69 3.28 10.17 15.91
C ARG E 69 2.24 11.26 16.10
N LEU E 70 2.69 12.52 16.04
CA LEU E 70 1.86 13.69 16.26
C LEU E 70 0.99 13.97 15.04
N LYS E 71 1.42 13.56 13.86
CA LYS E 71 0.61 13.76 12.67
C LYS E 71 0.86 12.60 11.72
N LYS E 72 0.02 12.55 10.68
CA LYS E 72 0.04 11.42 9.78
C LYS E 72 1.36 11.39 9.05
N GLN E 73 1.85 12.58 8.67
CA GLN E 73 3.07 12.69 7.88
C GLN E 73 4.40 12.38 8.58
N ASN E 74 4.47 12.42 9.91
CA ASN E 74 5.73 12.48 10.64
C ASN E 74 5.80 11.41 11.72
N PHE E 75 6.93 10.71 11.80
CA PHE E 75 7.17 9.66 12.83
C PHE E 75 8.54 9.93 13.42
N LEU E 76 8.58 10.30 14.70
CA LEU E 76 9.84 10.70 15.33
C LEU E 76 10.40 9.55 16.17
N LEU E 77 11.71 9.28 16.10
CA LEU E 77 12.39 8.37 17.02
C LEU E 77 13.28 9.20 17.95
N GLY E 78 13.13 8.99 19.26
CA GLY E 78 13.86 9.70 20.29
C GLY E 78 14.81 8.76 20.99
N LEU E 79 16.05 9.24 21.13
CA LEU E 79 17.07 8.64 21.97
C LEU E 79 17.33 9.62 23.11
N GLU E 80 16.98 9.23 24.34
CA GLU E 80 17.10 10.12 25.48
C GLU E 80 18.48 10.10 26.10
N SER E 81 19.22 9.00 25.96
CA SER E 81 20.53 8.92 26.59
C SER E 81 21.40 7.99 25.75
N ALA E 82 22.09 8.57 24.77
CA ALA E 82 22.79 7.82 23.76
C ALA E 82 23.83 6.91 24.37
N ALA E 83 23.83 5.68 23.89
CA ALA E 83 24.77 4.66 24.35
C ALA E 83 25.50 4.12 23.14
N PRO E 84 26.76 3.66 23.29
CA PRO E 84 27.49 3.02 22.18
C PRO E 84 26.75 1.91 21.45
N SER E 85 25.93 1.13 22.15
CA SER E 85 25.13 0.11 21.50
C SER E 85 24.15 0.66 20.44
N GLN E 86 23.80 1.95 20.50
CA GLN E 86 22.88 2.62 19.59
C GLN E 86 23.60 3.10 18.33
N THR E 87 24.94 2.95 18.25
CA THR E 87 25.66 3.20 17.00
C THR E 87 25.11 2.26 15.95
N SER E 88 24.46 2.79 14.92
CA SER E 88 23.84 1.95 13.89
C SER E 88 23.47 2.81 12.69
N VAL E 89 22.75 2.18 11.75
CA VAL E 89 22.12 2.92 10.63
C VAL E 89 20.61 2.74 10.85
N TYR E 90 19.88 3.84 11.00
CA TYR E 90 18.41 3.80 11.28
C TYR E 90 17.66 4.07 9.99
N PHE E 91 16.68 3.23 9.69
CA PHE E 91 15.87 3.41 8.47
C PHE E 91 14.40 3.58 8.84
N CYS E 92 13.79 4.64 8.32
CA CYS E 92 12.34 4.79 8.50
C CYS E 92 11.66 4.18 7.26
N ALA E 93 10.42 3.74 7.41
CA ALA E 93 9.68 3.21 6.25
C ALA E 93 8.20 3.56 6.40
N SER E 94 7.49 3.57 5.28
CA SER E 94 6.05 3.90 5.31
C SER E 94 5.26 2.95 4.40
N SER E 95 4.00 2.68 4.76
CA SER E 95 3.11 1.82 3.94
C SER E 95 1.71 2.44 3.98
N TYR E 96 0.89 2.17 2.98
CA TYR E 96 -0.40 2.84 2.90
C TYR E 96 -1.29 2.56 4.12
N GLY E 97 -1.28 1.32 4.64
CA GLY E 97 -2.01 0.90 5.83
C GLY E 97 -2.25 -0.60 5.80
N SER E 98 -3.19 -1.07 6.62
CA SER E 98 -3.42 -2.50 6.72
C SER E 98 -3.78 -3.05 5.33
N GLY E 99 -3.14 -4.16 4.97
CA GLY E 99 -3.36 -4.81 3.68
C GLY E 99 -2.65 -4.13 2.50
N TYR E 100 -1.95 -3.05 2.75
CA TYR E 100 -1.05 -2.40 1.81
C TYR E 100 0.34 -2.50 2.44
N ASN E 101 0.97 -3.64 2.25
CA ASN E 101 2.17 -3.95 3.03
C ASN E 101 3.46 -3.53 2.34
N ALA E 102 3.43 -3.05 1.09
CA ALA E 102 4.65 -2.56 0.45
C ALA E 102 5.19 -1.36 1.20
N GLN E 103 6.41 -1.49 1.72
CA GLN E 103 7.04 -0.38 2.46
C GLN E 103 8.08 0.37 1.62
N THR E 104 8.05 1.70 1.67
CA THR E 104 9.04 2.56 1.04
C THR E 104 9.96 3.02 2.18
N PHE E 105 11.24 2.86 1.94
CA PHE E 105 12.23 3.20 2.99
C PHE E 105 12.89 4.52 2.73
N GLY E 106 13.10 5.26 3.80
CA GLY E 106 13.92 6.44 3.76
C GLY E 106 15.39 6.12 3.52
N PRO E 107 16.24 7.15 3.32
CA PRO E 107 17.64 6.95 2.88
C PRO E 107 18.55 6.44 4.00
N GLY E 108 18.10 6.58 5.25
CA GLY E 108 18.84 6.04 6.39
C GLY E 108 19.58 7.15 7.13
N THR E 109 19.76 6.95 8.42
CA THR E 109 20.45 7.90 9.29
C THR E 109 21.57 7.11 9.96
N ARG E 110 22.83 7.57 9.77
CA ARG E 110 23.95 6.94 10.46
C ARG E 110 24.22 7.70 11.76
N LEU E 111 24.11 6.99 12.89
CA LEU E 111 24.43 7.55 14.18
C LEU E 111 25.68 6.84 14.70
N THR E 112 26.68 7.64 15.12
CA THR E 112 27.83 7.10 15.83
C THR E 112 27.88 7.79 17.21
N VAL E 113 27.87 6.97 18.28
CA VAL E 113 27.92 7.42 19.65
C VAL E 113 29.33 7.21 20.17
N LEU E 114 29.97 8.25 20.69
CA LEU E 114 31.37 8.16 21.10
C LEU E 114 31.51 8.60 22.55
N GLU E 115 32.48 8.01 23.26
CA GLU E 115 32.85 8.49 24.58
C GLU E 115 33.43 9.92 24.47
N ASP E 116 34.28 10.16 23.46
CA ASP E 116 35.08 11.38 23.36
C ASP E 116 35.05 11.99 21.95
N LEU E 117 34.47 13.20 21.86
CA LEU E 117 34.34 13.92 20.59
C LEU E 117 35.71 14.44 20.15
N LYS E 118 36.70 14.39 21.04
CA LYS E 118 38.01 14.98 20.70
C LYS E 118 38.71 14.13 19.64
N ASN E 119 38.20 12.93 19.40
CA ASN E 119 38.79 12.07 18.38
C ASN E 119 38.10 12.18 17.02
N VAL E 120 37.16 13.12 16.85
CA VAL E 120 36.55 13.32 15.55
C VAL E 120 37.52 14.16 14.70
N PHE E 121 37.83 13.70 13.48
CA PHE E 121 38.70 14.36 12.54
C PHE E 121 38.07 14.35 11.14
N PRO E 122 38.17 15.46 10.38
CA PRO E 122 37.79 15.46 8.99
C PRO E 122 38.88 14.78 8.18
N PRO E 123 38.59 14.38 6.92
CA PRO E 123 39.60 13.80 6.04
C PRO E 123 40.53 14.85 5.47
N GLU E 124 41.77 14.46 5.22
CA GLU E 124 42.63 15.06 4.23
C GLU E 124 42.44 14.28 2.94
N VAL E 125 42.53 14.99 1.81
CA VAL E 125 42.22 14.43 0.51
C VAL E 125 43.37 14.75 -0.44
N ALA E 126 43.77 13.75 -1.21
CA ALA E 126 44.74 13.95 -2.26
C ALA E 126 44.34 13.16 -3.50
N VAL E 127 44.69 13.72 -4.65
CA VAL E 127 44.49 13.08 -5.93
C VAL E 127 45.84 12.73 -6.54
N PHE E 128 45.91 11.51 -7.09
CA PHE E 128 47.12 11.01 -7.72
C PHE E 128 46.87 10.84 -9.21
N GLU E 129 47.76 11.44 -10.01
CA GLU E 129 47.61 11.56 -11.45
C GLU E 129 47.96 10.23 -12.13
N PRO E 130 47.35 9.93 -13.31
CA PRO E 130 47.53 8.66 -14.01
C PRO E 130 48.98 8.38 -14.36
N SER E 131 49.39 7.10 -14.33
CA SER E 131 50.76 6.71 -14.74
C SER E 131 50.92 6.86 -16.25
N GLU E 132 52.05 7.41 -16.72
CA GLU E 132 52.33 7.49 -18.14
C GLU E 132 52.51 6.09 -18.75
N ALA E 133 52.88 5.13 -17.89
CA ALA E 133 53.04 3.74 -18.28
C ALA E 133 51.67 3.08 -18.47
N GLU E 134 50.65 3.44 -17.68
CA GLU E 134 49.29 2.94 -17.93
C GLU E 134 48.77 3.51 -19.25
N ILE E 135 48.92 4.83 -19.42
CA ILE E 135 48.48 5.54 -20.60
C ILE E 135 49.07 4.90 -21.86
N SER E 136 50.41 4.73 -21.90
CA SER E 136 50.98 4.21 -23.13
C SER E 136 50.61 2.76 -23.34
N HIS E 137 50.35 1.98 -22.26
CA HIS E 137 50.13 0.55 -22.41
C HIS E 137 48.66 0.24 -22.69
N THR E 138 47.72 1.01 -22.10
CA THR E 138 46.27 0.69 -22.19
C THR E 138 45.44 1.74 -22.90
N GLN E 139 46.00 2.90 -23.19
CA GLN E 139 45.26 4.03 -23.75
C GLN E 139 44.12 4.48 -22.81
N LYS E 140 44.25 4.18 -21.51
CA LYS E 140 43.32 4.58 -20.46
C LYS E 140 44.12 5.26 -19.36
N ALA E 141 43.43 6.03 -18.51
CA ALA E 141 44.11 6.80 -17.49
C ALA E 141 43.32 6.75 -16.18
N THR E 142 43.91 6.13 -15.16
CA THR E 142 43.25 5.97 -13.86
C THR E 142 43.79 7.02 -12.88
N LEU E 143 42.89 7.87 -12.36
CA LEU E 143 43.16 8.76 -11.24
C LEU E 143 42.79 8.06 -9.93
N VAL E 144 43.56 8.30 -8.86
CA VAL E 144 43.25 7.73 -7.56
C VAL E 144 43.06 8.88 -6.56
N CYS E 145 42.00 8.79 -5.76
CA CYS E 145 41.75 9.70 -4.65
C CYS E 145 41.95 8.93 -3.35
N LEU E 146 42.68 9.52 -2.39
CA LEU E 146 42.84 8.98 -1.05
C LEU E 146 42.34 10.01 -0.04
N ALA E 147 41.37 9.60 0.77
CA ALA E 147 40.86 10.33 1.91
C ALA E 147 41.42 9.65 3.15
N THR E 148 42.21 10.38 3.94
CA THR E 148 42.88 9.80 5.10
C THR E 148 42.59 10.60 6.37
N GLY E 149 42.78 9.93 7.52
CA GLY E 149 42.78 10.55 8.83
C GLY E 149 41.40 10.85 9.38
N PHE E 150 40.32 10.30 8.81
CA PHE E 150 39.02 10.75 9.26
C PHE E 150 38.41 9.81 10.30
N TYR E 151 37.53 10.37 11.11
CA TYR E 151 36.87 9.62 12.16
C TYR E 151 35.70 10.46 12.61
N PRO E 152 34.50 9.85 12.81
CA PRO E 152 34.24 8.43 12.47
C PRO E 152 34.04 8.23 10.96
N ASP E 153 33.53 7.05 10.59
CA ASP E 153 33.43 6.69 9.18
C ASP E 153 32.15 7.29 8.60
N HIS E 154 32.13 8.61 8.47
CA HIS E 154 30.99 9.37 8.01
C HIS E 154 31.37 10.19 6.76
N VAL E 155 31.66 9.51 5.64
CA VAL E 155 32.07 10.19 4.41
C VAL E 155 31.28 9.71 3.18
N GLU E 156 31.11 10.64 2.22
CA GLU E 156 30.59 10.35 0.88
C GLU E 156 31.57 10.95 -0.14
N LEU E 157 32.22 10.07 -0.91
CA LEU E 157 33.19 10.47 -1.91
C LEU E 157 32.52 10.49 -3.27
N SER E 158 32.78 11.55 -4.05
CA SER E 158 32.24 11.66 -5.40
C SER E 158 33.29 12.31 -6.29
N TRP E 159 33.18 12.08 -7.60
CA TRP E 159 34.08 12.72 -8.57
C TRP E 159 33.33 13.72 -9.42
N TRP E 160 34.00 14.85 -9.65
CA TRP E 160 33.45 16.02 -10.31
C TRP E 160 34.40 16.40 -11.46
N VAL E 161 33.88 16.33 -12.69
CA VAL E 161 34.65 16.69 -13.87
C VAL E 161 34.03 17.92 -14.53
N ASN E 162 34.87 18.90 -14.82
CA ASN E 162 34.43 20.22 -15.28
C ASN E 162 33.25 20.75 -14.48
N GLY E 163 33.31 20.60 -13.17
CA GLY E 163 32.34 21.26 -12.31
C GLY E 163 31.09 20.45 -12.08
N LYS E 164 30.97 19.22 -12.63
CA LYS E 164 29.75 18.46 -12.46
C LYS E 164 30.07 17.01 -12.07
N GLU E 165 29.23 16.42 -11.24
CA GLU E 165 29.48 15.09 -10.73
C GLU E 165 29.29 14.11 -11.88
N VAL E 166 30.15 13.10 -11.91
CA VAL E 166 30.10 12.06 -12.93
C VAL E 166 29.67 10.74 -12.28
N HIS E 167 29.15 9.86 -13.13
CA HIS E 167 28.47 8.66 -12.68
C HIS E 167 28.95 7.44 -13.44
N SER E 168 30.18 7.47 -13.97
CA SER E 168 30.76 6.38 -14.74
C SER E 168 32.28 6.37 -14.56
N GLY E 169 32.91 5.19 -14.71
CA GLY E 169 34.35 5.05 -14.60
C GLY E 169 34.89 5.10 -13.17
N VAL E 170 34.00 5.02 -12.16
CA VAL E 170 34.39 5.20 -10.77
C VAL E 170 34.24 3.91 -9.97
N CYS E 171 35.18 3.61 -9.05
CA CYS E 171 34.90 2.60 -8.03
C CYS E 171 35.54 3.04 -6.71
N THR E 172 34.73 3.11 -5.65
CA THR E 172 35.18 3.54 -4.35
C THR E 172 35.10 2.32 -3.41
N ASP E 173 36.12 2.14 -2.57
CA ASP E 173 36.16 0.98 -1.67
C ASP E 173 34.85 0.90 -0.90
N PRO E 174 34.22 -0.30 -0.78
CA PRO E 174 32.98 -0.40 -0.02
C PRO E 174 33.14 -0.15 1.47
N GLN E 175 34.35 -0.41 2.01
CA GLN E 175 34.66 -0.19 3.41
C GLN E 175 35.97 0.60 3.58
N PRO E 176 36.08 1.53 4.55
CA PRO E 176 37.40 2.14 4.83
C PRO E 176 38.34 1.18 5.51
N LEU E 177 39.62 1.51 5.48
CA LEU E 177 40.66 0.73 6.20
C LEU E 177 41.04 1.48 7.48
N LYS E 178 41.29 0.75 8.57
CA LYS E 178 41.81 1.30 9.80
C LYS E 178 43.26 1.66 9.53
N GLU E 179 43.60 2.93 9.82
CA GLU E 179 44.98 3.37 9.70
C GLU E 179 45.85 2.67 10.75
N GLN E 180 45.28 2.45 11.94
CA GLN E 180 46.02 1.88 13.07
C GLN E 180 45.17 0.74 13.61
N PRO E 181 45.21 -0.47 12.98
CA PRO E 181 44.20 -1.48 13.29
C PRO E 181 44.26 -1.93 14.76
N ALA E 182 45.43 -1.78 15.41
CA ALA E 182 45.59 -2.15 16.82
C ALA E 182 44.64 -1.32 17.71
N LEU E 183 44.44 -0.03 17.38
CA LEU E 183 43.66 0.84 18.23
C LEU E 183 42.19 0.71 17.84
N ASN E 184 41.30 0.91 18.82
CA ASN E 184 39.88 0.63 18.65
C ASN E 184 39.15 1.85 18.07
N ASP E 185 39.79 3.03 18.14
CA ASP E 185 39.21 4.24 17.59
C ASP E 185 40.10 4.75 16.45
N SER E 186 40.75 3.82 15.74
CA SER E 186 41.53 4.13 14.55
C SER E 186 40.82 5.16 13.69
N ARG E 187 41.58 6.14 13.20
CA ARG E 187 41.18 6.98 12.09
C ARG E 187 41.14 6.09 10.85
N TYR E 188 40.35 6.48 9.83
CA TYR E 188 40.19 5.71 8.62
C TYR E 188 40.86 6.31 7.38
N ALA E 189 41.08 5.42 6.41
CA ALA E 189 41.45 5.78 5.06
C ALA E 189 40.48 5.13 4.07
N LEU E 190 40.22 5.84 2.96
CA LEU E 190 39.35 5.36 1.89
C LEU E 190 39.98 5.74 0.56
N SER E 191 39.94 4.82 -0.42
CA SER E 191 40.44 5.09 -1.74
C SER E 191 39.30 5.01 -2.75
N SER E 192 39.50 5.74 -3.86
CA SER E 192 38.58 5.72 -4.98
C SER E 192 39.41 5.87 -6.25
N ARG E 193 38.87 5.30 -7.34
CA ARG E 193 39.44 5.44 -8.68
C ARG E 193 38.41 6.02 -9.65
N LEU E 194 38.92 6.81 -10.58
CA LEU E 194 38.20 7.33 -11.74
C LEU E 194 39.05 7.04 -12.97
N ARG E 195 38.53 6.20 -13.85
CA ARG E 195 39.29 5.81 -15.06
C ARG E 195 38.62 6.41 -16.28
N VAL E 196 39.38 7.14 -17.07
CA VAL E 196 38.88 7.74 -18.30
C VAL E 196 39.80 7.31 -19.44
N SER E 197 39.40 7.64 -20.66
CA SER E 197 40.28 7.44 -21.80
C SER E 197 41.48 8.37 -21.72
N ALA E 198 42.62 7.91 -22.26
CA ALA E 198 43.82 8.73 -22.24
C ALA E 198 43.56 10.08 -22.91
N THR E 199 42.79 10.11 -23.99
CA THR E 199 42.54 11.33 -24.75
C THR E 199 41.73 12.31 -23.90
N PHE E 200 40.91 11.80 -22.96
CA PHE E 200 40.16 12.68 -22.04
C PHE E 200 41.06 13.30 -20.97
N TRP E 201 41.93 12.46 -20.39
CA TRP E 201 42.91 12.93 -19.43
C TRP E 201 43.90 13.93 -20.04
N GLN E 202 44.25 13.73 -21.32
CA GLN E 202 45.30 14.51 -21.98
C GLN E 202 44.81 15.89 -22.40
N ASP E 203 43.50 16.13 -22.32
CA ASP E 203 42.91 17.39 -22.73
C ASP E 203 43.05 18.39 -21.57
N PRO E 204 43.86 19.47 -21.70
CA PRO E 204 44.04 20.39 -20.57
C PRO E 204 42.86 21.29 -20.22
N ARG E 205 41.81 21.25 -21.02
CA ARG E 205 40.55 21.90 -20.66
C ARG E 205 39.73 21.07 -19.68
N ASN E 206 40.10 19.80 -19.43
CA ASN E 206 39.35 18.97 -18.51
C ASN E 206 39.90 19.11 -17.09
N HIS E 207 38.97 19.32 -16.14
CA HIS E 207 39.31 19.47 -14.73
C HIS E 207 38.72 18.33 -13.91
N PHE E 208 39.55 17.72 -13.06
CA PHE E 208 39.11 16.59 -12.27
C PHE E 208 39.15 16.97 -10.80
N ARG E 209 38.08 16.68 -10.06
CA ARG E 209 38.06 16.91 -8.62
C ARG E 209 37.50 15.70 -7.87
N CYS E 210 38.23 15.24 -6.85
CA CYS E 210 37.75 14.25 -5.90
C CYS E 210 37.15 14.98 -4.71
N GLN E 211 35.87 14.76 -4.43
CA GLN E 211 35.14 15.44 -3.38
C GLN E 211 34.85 14.48 -2.22
N VAL E 212 35.19 14.88 -1.00
CA VAL E 212 34.77 14.09 0.15
C VAL E 212 33.88 14.96 1.04
N GLN E 213 32.59 14.58 1.10
CA GLN E 213 31.68 15.19 2.05
C GLN E 213 31.85 14.42 3.37
N PHE E 214 32.18 15.14 4.43
CA PHE E 214 32.35 14.60 5.78
C PHE E 214 31.21 15.10 6.64
N TYR E 215 30.69 14.22 7.53
CA TYR E 215 29.67 14.60 8.50
C TYR E 215 30.30 14.42 9.88
N GLY E 216 30.45 15.52 10.61
CA GLY E 216 31.15 15.56 11.88
C GLY E 216 30.25 16.09 12.99
N LEU E 217 30.81 17.00 13.77
CA LEU E 217 30.19 17.63 14.91
C LEU E 217 29.22 18.68 14.41
N SER E 218 28.26 19.03 15.26
CA SER E 218 27.38 20.15 14.93
C SER E 218 27.89 21.40 15.63
N GLU E 219 27.27 22.52 15.27
CA GLU E 219 27.70 23.83 15.74
C GLU E 219 27.37 24.02 17.21
N ASN E 220 26.45 23.22 17.76
CA ASN E 220 26.16 23.32 19.19
C ASN E 220 27.22 22.65 20.09
N ASP E 221 28.07 21.78 19.53
CA ASP E 221 29.02 21.03 20.33
C ASP E 221 30.09 21.99 20.84
N GLU E 222 30.50 21.77 22.07
CA GLU E 222 31.65 22.46 22.64
C GLU E 222 32.93 21.96 21.98
N TRP E 223 33.93 22.84 21.88
CA TRP E 223 35.22 22.47 21.25
C TRP E 223 36.34 23.27 21.92
N THR E 224 37.37 22.57 22.41
CA THR E 224 38.44 23.24 23.17
C THR E 224 39.79 23.07 22.50
N GLN E 225 39.87 22.18 21.50
CA GLN E 225 41.16 21.91 20.81
C GLN E 225 41.58 23.11 19.96
N ASP E 226 42.87 23.19 19.64
CA ASP E 226 43.40 24.31 18.82
C ASP E 226 42.88 24.19 17.40
N ARG E 227 42.85 22.96 16.89
CA ARG E 227 42.38 22.72 15.50
C ARG E 227 40.93 23.16 15.36
N ALA E 228 40.60 23.66 14.16
CA ALA E 228 39.17 23.99 13.88
C ALA E 228 38.31 22.84 14.42
N LYS E 229 37.13 23.25 14.95
CA LYS E 229 36.01 22.29 15.22
C LYS E 229 35.83 21.43 13.98
N PRO E 230 35.86 20.06 14.11
CA PRO E 230 35.52 19.13 12.99
C PRO E 230 34.06 18.95 12.63
N VAL E 231 33.51 20.02 12.04
CA VAL E 231 32.12 20.03 11.61
C VAL E 231 31.95 19.35 10.23
N THR E 232 30.67 19.11 9.88
CA THR E 232 30.25 18.70 8.55
C THR E 232 30.80 19.69 7.50
N GLN E 233 31.49 19.14 6.51
CA GLN E 233 32.29 19.95 5.61
C GLN E 233 32.66 19.12 4.39
N ILE E 234 32.97 19.82 3.28
CA ILE E 234 33.58 19.18 2.12
C ILE E 234 35.07 19.46 2.09
N VAL E 235 35.85 18.43 1.78
CA VAL E 235 37.26 18.50 1.51
C VAL E 235 37.49 17.86 0.14
N SER E 236 38.26 18.57 -0.70
CA SER E 236 38.47 18.12 -2.06
C SER E 236 39.96 18.19 -2.40
N ALA E 237 40.30 17.52 -3.50
CA ALA E 237 41.59 17.73 -4.15
C ALA E 237 41.35 17.60 -5.64
N GLU E 238 42.24 18.21 -6.43
CA GLU E 238 41.99 18.35 -7.84
C GLU E 238 43.25 18.17 -8.68
N ALA E 239 42.99 17.95 -9.97
CA ALA E 239 44.03 17.88 -11.00
C ALA E 239 43.43 18.33 -12.34
N TRP E 240 44.18 19.16 -13.08
CA TRP E 240 43.90 19.44 -14.48
C TRP E 240 44.46 18.34 -15.37
N GLY E 241 43.74 18.01 -16.45
CA GLY E 241 44.29 17.14 -17.48
C GLY E 241 45.47 17.82 -18.18
N ARG E 242 46.34 17.03 -18.81
CA ARG E 242 47.39 17.64 -19.64
C ARG E 242 48.06 16.62 -20.56
N ALA E 243 48.63 17.20 -21.63
CA ALA E 243 49.15 16.48 -22.77
C ALA E 243 50.35 15.60 -22.39
N ASP E 244 51.12 16.01 -21.37
CA ASP E 244 51.97 15.10 -20.62
C ASP E 244 52.74 15.86 -19.53
C1 EDO F . -5.25 -12.66 12.91
O1 EDO F . -4.46 -12.15 13.96
C2 EDO F . -6.70 -12.51 13.13
O2 EDO F . -7.06 -11.20 13.50
C1 EDO G . -0.02 -4.69 -1.12
O1 EDO G . 0.23 -5.58 0.14
C2 EDO G . 0.71 -3.41 -1.47
O2 EDO G . 1.10 -2.26 -0.50
#